data_6YC7
#
_entry.id   6YC7
#
_cell.length_a   53.444
_cell.length_b   53.444
_cell.length_c   179.951
_cell.angle_alpha   90.000
_cell.angle_beta   90.000
_cell.angle_gamma   120.000
#
_symmetry.space_group_name_H-M   'P 32'
#
loop_
_entity.id
_entity.type
_entity.pdbx_description
1 polymer 'PII protein'
2 non-polymer "ADENINE ARABINOSE-5'-PHOSPHATE"
3 non-polymer 'ADENOSINE MONOPHOSPHATE'
4 non-polymer "ADENOSINE-5'-DIPHOSPHATE"
5 water water
#
_entity_poly.entity_id   1
_entity_poly.type   'polypeptide(L)'
_entity_poly.pdbx_seq_one_letter_code
;MKLITAIVKPFTLTDIKDALEQAGVQGMTVTETQGFGQQKGHTEVYRGAEYAVDFVPKVKIEVIISDAQAEEVINIIVET
ARTGKVGDGKVWMTNIEELVRVRTGERGEAAL
;
_entity_poly.pdbx_strand_id   A,B,C,D,E,F
#
loop_
_chem_comp.id
_chem_comp.type
_chem_comp.name
_chem_comp.formula
A5O RNA linking 'ADENINE ARABINOSE-5'-PHOSPHATE' 'C10 H14 N5 O7 P'
ADP non-polymer ADENOSINE-5'-DIPHOSPHATE 'C10 H15 N5 O10 P2'
AMP non-polymer 'ADENOSINE MONOPHOSPHATE' 'C10 H14 N5 O7 P'
#
# COMPACT_ATOMS: atom_id res chain seq x y z
N MET A 1 -2.45 -6.62 -30.67
CA MET A 1 -1.73 -6.21 -29.44
C MET A 1 -2.34 -6.95 -28.27
N LYS A 2 -1.51 -7.39 -27.29
CA LYS A 2 -2.01 -8.20 -26.19
C LYS A 2 -1.54 -7.63 -24.85
N LEU A 3 -2.36 -7.86 -23.80
CA LEU A 3 -1.90 -7.66 -22.42
C LEU A 3 -1.64 -9.02 -21.83
N ILE A 4 -0.45 -9.22 -21.23
CA ILE A 4 -0.13 -10.44 -20.51
C ILE A 4 -0.15 -10.08 -19.05
N THR A 5 -0.98 -10.77 -18.27
CA THR A 5 -1.08 -10.58 -16.83
C THR A 5 -0.65 -11.85 -16.11
N ALA A 6 0.09 -11.70 -15.02
CA ALA A 6 0.51 -12.88 -14.30
C ALA A 6 0.43 -12.54 -12.82
N ILE A 7 -0.05 -13.50 -12.02
CA ILE A 7 -0.02 -13.42 -10.57
C ILE A 7 0.99 -14.43 -10.10
N VAL A 8 2.09 -13.96 -9.50
CA VAL A 8 3.25 -14.80 -9.20
C VAL A 8 3.78 -14.49 -7.80
N LYS A 9 4.62 -15.38 -7.31
CA LYS A 9 5.23 -15.18 -6.00
C LYS A 9 6.22 -14.01 -6.02
N PRO A 10 6.26 -13.19 -4.98
CA PRO A 10 7.03 -11.94 -5.07
C PRO A 10 8.53 -12.14 -5.30
N PHE A 11 9.11 -13.26 -4.85
CA PHE A 11 10.56 -13.45 -5.01
C PHE A 11 10.96 -13.88 -6.41
N THR A 12 10.00 -14.16 -7.29
CA THR A 12 10.33 -14.42 -8.68
C THR A 12 10.39 -13.15 -9.50
N LEU A 13 10.14 -11.99 -8.90
CA LEU A 13 9.93 -10.77 -9.69
C LEU A 13 11.19 -10.36 -10.46
N THR A 14 12.35 -10.39 -9.81
CA THR A 14 13.56 -9.93 -10.50
C THR A 14 13.95 -10.90 -11.59
N ASP A 15 13.80 -12.20 -11.34
CA ASP A 15 14.10 -13.20 -12.37
C ASP A 15 13.22 -12.98 -13.60
N ILE A 16 11.95 -12.66 -13.40
CA ILE A 16 11.05 -12.43 -14.54
C ILE A 16 11.46 -11.17 -15.29
N LYS A 17 11.69 -10.07 -14.57
CA LYS A 17 12.14 -8.83 -15.20
C LYS A 17 13.42 -9.04 -16.00
N ASP A 18 14.40 -9.77 -15.44
CA ASP A 18 15.63 -10.03 -16.17
C ASP A 18 15.38 -10.84 -17.43
N ALA A 19 14.58 -11.89 -17.33
CA ALA A 19 14.34 -12.74 -18.50
C ALA A 19 13.61 -11.97 -19.59
N LEU A 20 12.65 -11.12 -19.21
CA LEU A 20 11.97 -10.28 -20.20
C LEU A 20 12.97 -9.33 -20.87
N GLU A 21 13.81 -8.66 -20.06
CA GLU A 21 14.82 -7.75 -20.61
C GLU A 21 15.71 -8.45 -21.62
N GLN A 22 16.17 -9.67 -21.30
CA GLN A 22 17.01 -10.41 -22.22
C GLN A 22 16.31 -10.67 -23.54
N ALA A 23 14.98 -10.70 -23.54
CA ALA A 23 14.18 -10.88 -24.74
C ALA A 23 13.81 -9.56 -25.40
N GLY A 24 14.36 -8.45 -24.94
CA GLY A 24 14.00 -7.16 -25.50
C GLY A 24 12.65 -6.64 -25.08
N VAL A 25 12.02 -7.26 -24.09
CA VAL A 25 10.72 -6.81 -23.61
C VAL A 25 10.94 -5.99 -22.35
N GLN A 26 10.51 -4.73 -22.39
CA GLN A 26 10.56 -3.87 -21.22
C GLN A 26 9.19 -3.22 -21.04
N GLY A 27 9.01 -2.53 -19.92
CA GLY A 27 7.79 -1.83 -19.65
C GLY A 27 6.79 -2.51 -18.74
N MET A 28 7.23 -3.46 -17.91
CA MET A 28 6.28 -4.14 -17.04
C MET A 28 5.77 -3.23 -15.93
N THR A 29 4.54 -3.51 -15.49
CA THR A 29 3.91 -2.86 -14.36
C THR A 29 3.82 -3.90 -13.23
N VAL A 30 4.07 -3.49 -11.99
CA VAL A 30 4.05 -4.42 -10.86
C VAL A 30 3.11 -3.87 -9.79
N THR A 31 2.12 -4.69 -9.39
CA THR A 31 1.16 -4.30 -8.36
C THR A 31 1.13 -5.34 -7.24
N GLU A 32 1.27 -4.88 -5.99
CA GLU A 32 1.11 -5.77 -4.85
C GLU A 32 -0.33 -6.22 -4.75
N THR A 33 -0.52 -7.53 -4.53
CA THR A 33 -1.86 -8.08 -4.37
C THR A 33 -1.82 -9.27 -3.42
N GLN A 34 -2.99 -9.83 -3.16
CA GLN A 34 -3.11 -10.88 -2.16
C GLN A 34 -4.00 -11.99 -2.66
N GLY A 35 -3.61 -13.22 -2.36
CA GLY A 35 -4.48 -14.37 -2.48
C GLY A 35 -4.99 -14.80 -1.12
N PHE A 36 -5.87 -15.79 -1.13
CA PHE A 36 -6.31 -16.41 0.13
C PHE A 36 -5.60 -17.75 0.32
N THR A 43 -10.41 -17.53 9.68
CA THR A 43 -11.64 -16.77 9.81
C THR A 43 -12.00 -16.44 11.26
N GLU A 44 -12.33 -15.17 11.52
CA GLU A 44 -12.70 -14.71 12.86
C GLU A 44 -14.00 -13.90 12.78
N VAL A 45 -14.92 -14.17 13.72
CA VAL A 45 -16.19 -13.47 13.78
C VAL A 45 -16.06 -12.25 14.70
N TYR A 46 -16.76 -11.18 14.35
CA TYR A 46 -16.70 -9.94 15.13
C TYR A 46 -18.00 -9.17 14.91
N ARG A 47 -18.79 -9.03 15.98
CA ARG A 47 -20.03 -8.26 15.95
C ARG A 47 -20.96 -8.70 14.82
N ALA A 49 -19.60 -9.64 9.95
CA ALA A 49 -19.48 -10.61 11.02
C ALA A 49 -18.21 -11.44 10.86
N GLU A 50 -18.08 -12.15 9.74
CA GLU A 50 -16.94 -13.00 9.49
C GLU A 50 -15.82 -12.21 8.81
N TYR A 51 -14.58 -12.61 9.10
CA TYR A 51 -13.39 -11.94 8.59
C TYR A 51 -12.31 -12.98 8.32
N ALA A 52 -11.85 -13.06 7.08
CA ALA A 52 -10.70 -13.92 6.77
C ALA A 52 -9.48 -13.42 7.53
N VAL A 53 -8.75 -14.35 8.13
CA VAL A 53 -7.73 -13.98 9.11
C VAL A 53 -6.37 -13.66 8.47
N ASP A 54 -5.99 -14.33 7.37
CA ASP A 54 -4.66 -14.12 6.81
C ASP A 54 -4.70 -14.19 5.29
N PHE A 55 -3.63 -13.68 4.68
CA PHE A 55 -3.54 -13.53 3.23
C PHE A 55 -2.18 -14.03 2.77
N VAL A 56 -2.06 -14.26 1.47
CA VAL A 56 -0.81 -14.72 0.87
C VAL A 56 -0.33 -13.63 -0.07
N PRO A 57 0.81 -12.99 0.19
CA PRO A 57 1.30 -11.91 -0.69
C PRO A 57 1.61 -12.45 -2.08
N LYS A 58 1.11 -11.75 -3.09
CA LYS A 58 1.44 -12.04 -4.47
C LYS A 58 1.80 -10.74 -5.16
N VAL A 59 2.38 -10.84 -6.36
CA VAL A 59 2.53 -9.68 -7.23
C VAL A 59 1.82 -9.92 -8.54
N LYS A 60 1.13 -8.88 -9.02
CA LYS A 60 0.56 -8.90 -10.37
C LYS A 60 1.54 -8.21 -11.29
N ILE A 61 1.88 -8.88 -12.40
CA ILE A 61 2.80 -8.34 -13.38
C ILE A 61 1.98 -8.16 -14.66
N GLU A 62 2.10 -6.99 -15.28
CA GLU A 62 1.40 -6.73 -16.55
C GLU A 62 2.40 -6.24 -17.58
N VAL A 63 2.35 -6.83 -18.77
CA VAL A 63 3.23 -6.52 -19.88
C VAL A 63 2.37 -6.30 -21.12
N ILE A 64 2.56 -5.16 -21.79
CA ILE A 64 1.95 -4.94 -23.12
C ILE A 64 2.87 -5.47 -24.22
N ILE A 65 2.33 -6.26 -25.17
CA ILE A 65 3.19 -7.02 -26.07
C ILE A 65 2.50 -7.15 -27.43
N SER A 66 3.31 -7.17 -28.49
CA SER A 66 2.80 -7.43 -29.83
C SER A 66 2.22 -8.85 -29.93
N ASP A 67 1.31 -9.04 -30.88
CA ASP A 67 0.82 -10.40 -31.12
C ASP A 67 1.97 -11.35 -31.43
N ALA A 68 2.97 -10.87 -32.19
CA ALA A 68 4.04 -11.75 -32.66
C ALA A 68 4.87 -12.30 -31.50
N GLN A 69 4.96 -11.56 -30.42
CA GLN A 69 5.80 -11.92 -29.28
C GLN A 69 5.00 -12.44 -28.09
N ALA A 70 3.68 -12.52 -28.18
CA ALA A 70 2.88 -12.78 -26.98
C ALA A 70 3.12 -14.18 -26.42
N GLU A 71 3.16 -15.21 -27.27
CA GLU A 71 3.38 -16.56 -26.74
C GLU A 71 4.75 -16.69 -26.10
N GLU A 72 5.78 -16.08 -26.70
CA GLU A 72 7.12 -16.14 -26.10
C GLU A 72 7.13 -15.49 -24.73
N VAL A 73 6.45 -14.37 -24.57
CA VAL A 73 6.40 -13.69 -23.28
C VAL A 73 5.69 -14.54 -22.25
N ILE A 74 4.57 -15.16 -22.63
CA ILE A 74 3.89 -16.07 -21.73
C ILE A 74 4.84 -17.16 -21.26
N ASN A 75 5.56 -17.77 -22.20
CA ASN A 75 6.44 -18.89 -21.85
C ASN A 75 7.59 -18.44 -20.98
N ILE A 76 8.15 -17.26 -21.25
CA ILE A 76 9.21 -16.73 -20.37
C ILE A 76 8.69 -16.53 -18.95
N ILE A 77 7.51 -15.93 -18.82
CA ILE A 77 7.00 -15.68 -17.46
C ILE A 77 6.72 -17.02 -16.77
N VAL A 78 6.06 -17.95 -17.47
CA VAL A 78 5.73 -19.23 -16.85
C VAL A 78 7.00 -19.95 -16.39
N GLU A 79 8.00 -20.07 -17.29
CA GLU A 79 9.21 -20.81 -16.90
C GLU A 79 9.98 -20.10 -15.81
N THR A 80 9.95 -18.77 -15.79
CA THR A 80 10.74 -18.03 -14.82
C THR A 80 10.03 -17.92 -13.48
N ALA A 81 8.69 -17.91 -13.44
CA ALA A 81 7.99 -17.84 -12.17
C ALA A 81 7.82 -19.20 -11.50
N ARG A 82 8.14 -20.30 -12.18
CA ARG A 82 7.81 -21.61 -11.68
C ARG A 82 8.78 -22.04 -10.58
N THR A 83 8.23 -22.58 -9.50
CA THR A 83 9.03 -23.24 -8.48
C THR A 83 8.71 -24.71 -8.35
N GLY A 84 7.57 -25.17 -8.88
CA GLY A 84 7.11 -26.51 -8.67
C GLY A 84 6.23 -26.69 -7.45
N LYS A 85 6.09 -25.65 -6.62
CA LYS A 85 5.25 -25.70 -5.44
C LYS A 85 3.89 -25.06 -5.70
N VAL A 86 2.90 -25.48 -4.90
CA VAL A 86 1.58 -24.89 -5.00
C VAL A 86 1.67 -23.39 -4.71
N GLY A 87 0.79 -22.62 -5.35
CA GLY A 87 0.80 -21.18 -5.21
C GLY A 87 1.61 -20.45 -6.26
N ASP A 88 2.18 -21.16 -7.23
CA ASP A 88 2.99 -20.52 -8.25
C ASP A 88 2.21 -19.56 -9.13
N GLY A 89 0.88 -19.66 -9.21
CA GLY A 89 0.06 -18.68 -9.90
C GLY A 89 -0.32 -19.05 -11.32
N LYS A 90 -0.77 -18.05 -12.07
CA LYS A 90 -1.28 -18.24 -13.42
C LYS A 90 -0.92 -17.04 -14.28
N VAL A 91 -0.93 -17.26 -15.59
CA VAL A 91 -0.57 -16.26 -16.59
C VAL A 91 -1.68 -16.28 -17.63
N TRP A 92 -2.17 -15.08 -18.01
CA TRP A 92 -3.25 -15.07 -19.01
C TRP A 92 -3.08 -13.92 -19.97
N MET A 93 -3.79 -14.01 -21.11
CA MET A 93 -3.67 -13.06 -22.20
C MET A 93 -5.05 -12.45 -22.47
N THR A 94 -5.10 -11.12 -22.60
CA THR A 94 -6.32 -10.42 -22.98
C THR A 94 -6.04 -9.55 -24.21
N ASN A 95 -7.06 -9.27 -24.98
CA ASN A 95 -6.83 -8.52 -26.21
C ASN A 95 -6.86 -7.00 -25.98
N ILE A 96 -5.90 -6.29 -26.57
CA ILE A 96 -5.84 -4.84 -26.47
C ILE A 96 -6.36 -4.24 -27.76
N GLU A 97 -7.46 -3.49 -27.68
CA GLU A 97 -8.12 -2.97 -28.89
C GLU A 97 -7.53 -1.64 -29.35
N GLU A 98 -6.82 -0.94 -28.46
CA GLU A 98 -6.14 0.30 -28.82
C GLU A 98 -5.06 0.56 -27.78
N LEU A 99 -3.86 0.90 -28.25
CA LEU A 99 -2.74 1.27 -27.37
C LEU A 99 -2.30 2.68 -27.72
N VAL A 100 -2.11 3.55 -26.72
CA VAL A 100 -1.64 4.91 -26.97
C VAL A 100 -0.44 5.21 -26.08
N ARG A 101 0.62 5.75 -26.67
CA ARG A 101 1.73 6.30 -25.90
C ARG A 101 1.40 7.73 -25.49
N VAL A 102 1.41 8.00 -24.18
CA VAL A 102 0.91 9.28 -23.71
C VAL A 102 1.76 10.42 -24.27
N ARG A 103 3.07 10.22 -24.34
CA ARG A 103 3.96 11.34 -24.68
C ARG A 103 3.69 11.89 -26.08
N THR A 104 3.40 11.00 -27.04
CA THR A 104 3.31 11.37 -28.43
C THR A 104 1.92 11.25 -29.03
N GLY A 105 1.03 10.48 -28.40
CA GLY A 105 -0.23 10.15 -29.02
C GLY A 105 -0.13 9.05 -30.07
N GLU A 106 1.04 8.46 -30.24
CA GLU A 106 1.23 7.35 -31.17
C GLU A 106 0.39 6.14 -30.78
N ARG A 107 -0.16 5.47 -31.79
CA ARG A 107 -0.96 4.27 -31.56
C ARG A 107 -0.20 3.01 -31.96
N GLY A 108 -0.72 1.86 -31.50
CA GLY A 108 -0.35 0.60 -32.10
C GLY A 108 1.12 0.28 -31.92
N GLU A 109 1.73 -0.28 -32.98
CA GLU A 109 3.12 -0.69 -32.88
C GLU A 109 4.04 0.48 -32.56
N ALA A 110 3.65 1.71 -32.95
CA ALA A 110 4.48 2.88 -32.67
C ALA A 110 4.46 3.28 -31.21
N ALA A 111 3.60 2.66 -30.41
CA ALA A 111 3.45 2.95 -28.99
C ALA A 111 4.13 1.93 -28.11
N LEU A 112 4.63 0.84 -28.69
CA LEU A 112 5.32 -0.19 -27.93
C LEU A 112 6.67 0.30 -27.45
N MET B 1 -19.51 -2.11 -24.35
CA MET B 1 -18.84 -1.47 -23.21
C MET B 1 -17.31 -1.65 -23.29
N LYS B 2 -16.55 -0.66 -22.83
CA LYS B 2 -15.10 -0.71 -22.90
C LYS B 2 -14.51 -0.39 -21.54
N LEU B 3 -13.32 -0.92 -21.28
CA LEU B 3 -12.54 -0.54 -20.12
C LEU B 3 -11.34 0.23 -20.65
N ILE B 4 -11.18 1.46 -20.19
CA ILE B 4 -9.98 2.24 -20.49
C ILE B 4 -9.06 2.17 -19.27
N THR B 5 -7.82 1.74 -19.49
CA THR B 5 -6.81 1.64 -18.44
C THR B 5 -5.63 2.53 -18.78
N ALA B 6 -5.14 3.30 -17.82
CA ALA B 6 -4.03 4.21 -18.07
C ALA B 6 -3.04 4.05 -16.92
N ILE B 7 -1.76 3.98 -17.26
CA ILE B 7 -0.68 3.98 -16.28
C ILE B 7 0.00 5.33 -16.45
N VAL B 8 -0.10 6.21 -15.44
CA VAL B 8 0.33 7.59 -15.58
C VAL B 8 1.10 8.01 -14.33
N LYS B 9 1.77 9.16 -14.43
CA LYS B 9 2.49 9.66 -13.27
C LYS B 9 1.51 10.12 -12.19
N PRO B 10 1.81 9.86 -10.90
CA PRO B 10 0.80 10.14 -9.87
C PRO B 10 0.40 11.59 -9.78
N PHE B 11 1.31 12.53 -10.06
CA PHE B 11 0.94 13.94 -9.90
C PHE B 11 0.02 14.44 -11.02
N THR B 12 -0.36 13.60 -11.99
CA THR B 12 -1.36 14.02 -12.97
C THR B 12 -2.78 13.60 -12.61
N LEU B 13 -2.96 12.84 -11.53
CA LEU B 13 -4.26 12.23 -11.27
C LEU B 13 -5.36 13.27 -11.10
N THR B 14 -5.11 14.31 -10.32
CA THR B 14 -6.16 15.33 -10.09
C THR B 14 -6.59 15.99 -11.40
N ASP B 15 -5.63 16.35 -12.25
CA ASP B 15 -5.96 17.00 -13.52
C ASP B 15 -6.71 16.07 -14.45
N ILE B 16 -6.37 14.78 -14.44
CA ILE B 16 -7.11 13.83 -15.26
C ILE B 16 -8.56 13.72 -14.77
N LYS B 17 -8.75 13.59 -13.45
CA LYS B 17 -10.09 13.45 -12.90
C LYS B 17 -10.96 14.66 -13.21
N ASP B 18 -10.39 15.88 -13.10
CA ASP B 18 -11.16 17.08 -13.39
C ASP B 18 -11.48 17.18 -14.87
N ALA B 19 -10.54 16.79 -15.73
CA ALA B 19 -10.81 16.86 -17.17
C ALA B 19 -11.92 15.90 -17.56
N LEU B 20 -11.91 14.70 -16.96
CA LEU B 20 -12.96 13.71 -17.21
C LEU B 20 -14.30 14.18 -16.64
N GLU B 21 -14.28 14.86 -15.50
CA GLU B 21 -15.53 15.33 -14.92
C GLU B 21 -16.17 16.42 -15.78
N GLN B 22 -15.37 17.38 -16.22
CA GLN B 22 -15.90 18.44 -17.07
C GLN B 22 -16.34 17.93 -18.44
N ALA B 23 -15.98 16.70 -18.80
CA ALA B 23 -16.54 16.03 -19.96
C ALA B 23 -17.74 15.16 -19.62
N GLY B 24 -18.18 15.16 -18.37
CA GLY B 24 -19.34 14.39 -17.96
C GLY B 24 -19.06 12.94 -17.66
N VAL B 25 -17.81 12.57 -17.52
CA VAL B 25 -17.41 11.19 -17.30
C VAL B 25 -17.16 11.02 -15.81
N GLN B 26 -18.05 10.28 -15.15
CA GLN B 26 -17.96 10.01 -13.73
C GLN B 26 -17.66 8.53 -13.54
N GLY B 27 -16.98 8.20 -12.45
CA GLY B 27 -16.67 6.82 -12.18
C GLY B 27 -15.27 6.47 -12.63
N MET B 28 -14.43 6.15 -11.67
CA MET B 28 -13.03 5.88 -11.93
C MET B 28 -12.51 5.09 -10.75
N THR B 29 -11.65 4.11 -11.01
CA THR B 29 -10.95 3.39 -9.95
C THR B 29 -9.46 3.66 -10.10
N VAL B 30 -8.77 3.90 -8.99
CA VAL B 30 -7.36 4.25 -9.03
C VAL B 30 -6.57 3.31 -8.14
N THR B 31 -5.50 2.72 -8.69
CA THR B 31 -4.65 1.82 -7.94
C THR B 31 -3.20 2.26 -7.98
N GLU B 32 -2.51 2.20 -6.83
CA GLU B 32 -1.08 2.49 -6.86
C GLU B 32 -0.32 1.32 -7.46
N THR B 33 0.64 1.62 -8.32
CA THR B 33 1.42 0.60 -8.99
C THR B 33 2.83 1.14 -9.23
N GLN B 34 3.69 0.30 -9.79
CA GLN B 34 5.09 0.65 -10.00
C GLN B 34 5.56 0.16 -11.35
N GLY B 35 6.41 0.96 -12.00
CA GLY B 35 7.26 0.52 -13.07
C GLY B 35 8.73 0.45 -12.63
N PHE B 36 9.57 -0.02 -13.54
CA PHE B 36 11.02 -0.06 -13.28
C PHE B 36 11.73 1.14 -13.90
N HIS B 42 19.33 0.34 -9.91
CA HIS B 42 20.03 -0.66 -10.72
C HIS B 42 19.70 -2.07 -10.24
N THR B 43 20.75 -2.85 -9.96
CA THR B 43 20.62 -4.23 -9.51
C THR B 43 21.52 -4.45 -8.30
N GLU B 44 20.97 -5.05 -7.24
CA GLU B 44 21.73 -5.41 -6.05
C GLU B 44 21.65 -6.91 -5.81
N VAL B 45 22.77 -7.52 -5.44
CA VAL B 45 22.84 -8.95 -5.16
C VAL B 45 22.82 -9.16 -3.65
N TYR B 46 21.98 -10.09 -3.20
CA TYR B 46 21.88 -10.40 -1.77
C TYR B 46 21.58 -11.88 -1.61
N ARG B 47 22.51 -12.64 -1.04
CA ARG B 47 22.26 -14.05 -0.79
C ARG B 47 22.84 -14.49 0.54
N GLU B 50 20.25 -9.57 -8.98
CA GLU B 50 19.40 -10.52 -8.27
C GLU B 50 18.21 -9.84 -7.59
N TYR B 51 18.35 -8.55 -7.27
CA TYR B 51 17.22 -7.73 -6.84
C TYR B 51 17.27 -6.38 -7.54
N ALA B 52 16.16 -6.00 -8.18
CA ALA B 52 16.02 -4.63 -8.67
C ALA B 52 15.61 -3.71 -7.53
N VAL B 53 16.10 -2.46 -7.55
CA VAL B 53 15.85 -1.60 -6.39
C VAL B 53 15.14 -0.30 -6.77
N ASP B 54 15.42 0.27 -7.93
CA ASP B 54 14.86 1.57 -8.28
C ASP B 54 13.48 1.38 -8.92
N PHE B 55 12.45 1.74 -8.18
CA PHE B 55 11.08 1.68 -8.68
C PHE B 55 10.57 3.09 -8.93
N VAL B 56 9.68 3.22 -9.91
CA VAL B 56 9.08 4.49 -10.27
C VAL B 56 7.57 4.42 -9.96
N PRO B 57 7.06 5.31 -9.12
CA PRO B 57 5.65 5.21 -8.74
C PRO B 57 4.77 5.68 -9.86
N LYS B 58 3.69 4.93 -10.06
CA LYS B 58 2.68 5.23 -11.06
C LYS B 58 1.31 5.03 -10.41
N VAL B 59 0.26 5.52 -11.06
CA VAL B 59 -1.09 5.14 -10.69
C VAL B 59 -1.75 4.49 -11.90
N LYS B 60 -2.56 3.47 -11.65
CA LYS B 60 -3.40 2.87 -12.67
C LYS B 60 -4.79 3.47 -12.55
N ILE B 61 -5.28 4.05 -13.64
CA ILE B 61 -6.63 4.61 -13.67
C ILE B 61 -7.46 3.70 -14.56
N GLU B 62 -8.65 3.32 -14.10
CA GLU B 62 -9.55 2.45 -14.86
C GLU B 62 -10.90 3.11 -14.96
N VAL B 63 -11.39 3.27 -16.19
CA VAL B 63 -12.69 3.89 -16.44
C VAL B 63 -13.50 2.93 -17.31
N ILE B 64 -14.68 2.55 -16.82
CA ILE B 64 -15.66 1.81 -17.63
C ILE B 64 -16.50 2.82 -18.40
N ILE B 65 -16.69 2.59 -19.70
CA ILE B 65 -17.23 3.63 -20.56
C ILE B 65 -18.03 2.98 -21.68
N SER B 66 -19.00 3.72 -22.21
CA SER B 66 -19.72 3.27 -23.40
C SER B 66 -18.78 3.22 -24.61
N ASP B 67 -19.15 2.38 -25.61
CA ASP B 67 -18.39 2.36 -26.86
C ASP B 67 -18.28 3.75 -27.48
N ALA B 68 -19.35 4.54 -27.43
CA ALA B 68 -19.38 5.83 -28.11
C ALA B 68 -18.49 6.88 -27.46
N GLN B 69 -18.19 6.76 -26.16
CA GLN B 69 -17.32 7.72 -25.49
C GLN B 69 -15.91 7.20 -25.27
N ALA B 70 -15.63 5.97 -25.68
CA ALA B 70 -14.34 5.37 -25.38
C ALA B 70 -13.21 6.19 -25.98
N GLU B 71 -13.35 6.62 -27.23
CA GLU B 71 -12.25 7.34 -27.86
C GLU B 71 -12.03 8.69 -27.21
N GLU B 72 -13.11 9.41 -26.89
CA GLU B 72 -13.00 10.68 -26.19
C GLU B 72 -12.25 10.54 -24.86
N VAL B 73 -12.58 9.51 -24.08
CA VAL B 73 -11.95 9.31 -22.77
C VAL B 73 -10.45 9.05 -22.91
N ILE B 74 -10.07 8.20 -23.87
CA ILE B 74 -8.65 8.00 -24.18
C ILE B 74 -7.96 9.32 -24.46
N ASN B 75 -8.54 10.14 -25.33
CA ASN B 75 -7.87 11.38 -25.72
C ASN B 75 -7.78 12.37 -24.54
N ILE B 76 -8.81 12.46 -23.70
CA ILE B 76 -8.73 13.31 -22.50
C ILE B 76 -7.59 12.85 -21.59
N ILE B 77 -7.48 11.54 -21.35
CA ILE B 77 -6.44 11.08 -20.44
C ILE B 77 -5.07 11.35 -21.03
N VAL B 78 -4.89 10.98 -22.30
CA VAL B 78 -3.62 11.18 -23.00
C VAL B 78 -3.20 12.64 -22.95
N GLU B 79 -4.12 13.54 -23.30
CA GLU B 79 -3.75 14.96 -23.39
C GLU B 79 -3.46 15.55 -22.02
N THR B 80 -4.13 15.06 -20.97
CA THR B 80 -3.93 15.59 -19.63
C THR B 80 -2.70 15.00 -18.95
N ALA B 81 -2.44 13.71 -19.17
CA ALA B 81 -1.31 13.05 -18.53
C ALA B 81 0.01 13.41 -19.17
N ARG B 82 0.00 13.99 -20.37
CA ARG B 82 1.23 14.26 -21.11
C ARG B 82 2.01 15.39 -20.45
N THR B 83 3.31 15.15 -20.26
CA THR B 83 4.27 16.17 -19.86
C THR B 83 5.38 16.33 -20.87
N GLY B 84 5.43 15.47 -21.90
CA GLY B 84 6.49 15.48 -22.87
C GLY B 84 7.74 14.74 -22.45
N LYS B 85 7.96 14.53 -21.16
CA LYS B 85 9.13 13.80 -20.72
C LYS B 85 8.91 12.29 -20.88
N VAL B 86 9.98 11.53 -20.69
CA VAL B 86 9.86 10.08 -20.75
C VAL B 86 9.16 9.57 -19.49
N GLY B 87 8.52 8.42 -19.62
CA GLY B 87 7.75 7.85 -18.52
C GLY B 87 6.34 8.38 -18.39
N ASP B 88 5.84 9.13 -19.37
CA ASP B 88 4.46 9.63 -19.32
C ASP B 88 3.42 8.52 -19.27
N GLY B 89 3.76 7.32 -19.72
CA GLY B 89 2.88 6.16 -19.56
C GLY B 89 2.14 5.80 -20.84
N LYS B 90 1.14 4.93 -20.65
CA LYS B 90 0.36 4.33 -21.74
C LYS B 90 -1.12 4.29 -21.36
N VAL B 91 -1.98 4.32 -22.38
CA VAL B 91 -3.42 4.13 -22.21
C VAL B 91 -3.85 3.00 -23.15
N TRP B 92 -4.72 2.10 -22.68
CA TRP B 92 -5.18 1.04 -23.57
C TRP B 92 -6.65 0.71 -23.32
N MET B 93 -7.26 0.02 -24.30
CA MET B 93 -8.67 -0.29 -24.28
C MET B 93 -8.85 -1.79 -24.36
N THR B 94 -9.74 -2.33 -23.52
CA THR B 94 -10.12 -3.73 -23.56
C THR B 94 -11.64 -3.78 -23.64
N ASN B 95 -12.15 -4.85 -24.23
CA ASN B 95 -13.59 -5.01 -24.37
C ASN B 95 -14.20 -5.60 -23.11
N ILE B 96 -15.37 -5.07 -22.73
CA ILE B 96 -16.14 -5.56 -21.58
C ILE B 96 -17.34 -6.32 -22.13
N GLU B 97 -17.43 -7.63 -21.83
CA GLU B 97 -18.47 -8.45 -22.43
C GLU B 97 -19.77 -8.42 -21.64
N GLU B 98 -19.69 -8.22 -20.33
CA GLU B 98 -20.88 -8.09 -19.48
C GLU B 98 -20.56 -7.07 -18.40
N LEU B 99 -21.57 -6.29 -17.99
CA LEU B 99 -21.38 -5.31 -16.91
C LEU B 99 -22.62 -5.32 -16.03
N VAL B 100 -22.43 -5.32 -14.70
CA VAL B 100 -23.56 -5.33 -13.77
C VAL B 100 -23.34 -4.26 -12.70
N ARG B 101 -24.35 -3.42 -12.46
CA ARG B 101 -24.32 -2.51 -11.31
C ARG B 101 -24.80 -3.29 -10.09
N VAL B 102 -23.93 -3.40 -9.07
CA VAL B 102 -24.25 -4.24 -7.91
C VAL B 102 -25.53 -3.78 -7.25
N ARG B 103 -25.69 -2.47 -7.07
CA ARG B 103 -26.78 -1.99 -6.23
C ARG B 103 -28.15 -2.38 -6.78
N THR B 104 -28.34 -2.24 -8.09
CA THR B 104 -29.65 -2.42 -8.72
C THR B 104 -29.75 -3.69 -9.55
N GLY B 105 -28.64 -4.36 -9.82
CA GLY B 105 -28.63 -5.43 -10.80
C GLY B 105 -28.83 -4.98 -12.24
N GLU B 106 -28.78 -3.68 -12.53
CA GLU B 106 -28.86 -3.24 -13.93
C GLU B 106 -27.65 -3.79 -14.70
N ARG B 107 -27.88 -4.06 -15.99
CA ARG B 107 -26.89 -4.71 -16.87
C ARG B 107 -26.61 -3.87 -18.11
N GLY B 108 -25.41 -4.05 -18.66
CA GLY B 108 -25.07 -3.45 -19.94
C GLY B 108 -25.02 -1.93 -19.86
N GLU B 109 -25.59 -1.30 -20.90
CA GLU B 109 -25.70 0.15 -20.95
C GLU B 109 -26.36 0.72 -19.69
N ALA B 110 -27.37 0.03 -19.17
CA ALA B 110 -28.07 0.51 -17.98
C ALA B 110 -27.19 0.52 -16.75
N ALA B 111 -26.10 -0.24 -16.77
CA ALA B 111 -25.16 -0.30 -15.66
C ALA B 111 -24.06 0.74 -15.75
N LEU B 112 -23.92 1.42 -16.89
CA LEU B 112 -22.85 2.41 -17.06
C LEU B 112 -23.08 3.62 -16.16
N MET C 1 -12.56 -19.16 -21.55
CA MET C 1 -12.20 -18.69 -20.20
C MET C 1 -12.57 -17.22 -20.08
N LYS C 2 -12.97 -16.79 -18.87
CA LYS C 2 -13.37 -15.42 -18.59
C LYS C 2 -12.69 -14.93 -17.34
N LEU C 3 -12.38 -13.63 -17.32
CA LEU C 3 -11.97 -12.93 -16.10
C LEU C 3 -13.17 -12.15 -15.57
N ILE C 4 -13.52 -12.38 -14.30
CA ILE C 4 -14.57 -11.61 -13.64
C ILE C 4 -13.88 -10.66 -12.68
N THR C 5 -14.12 -9.37 -12.85
CA THR C 5 -13.56 -8.32 -12.00
C THR C 5 -14.69 -7.58 -11.29
N ALA C 6 -14.52 -7.30 -10.00
CA ALA C 6 -15.53 -6.55 -9.26
C ALA C 6 -14.85 -5.55 -8.35
N ILE C 7 -15.41 -4.35 -8.27
CA ILE C 7 -14.99 -3.34 -7.32
C ILE C 7 -16.09 -3.25 -6.27
N VAL C 8 -15.77 -3.62 -5.02
CA VAL C 8 -16.80 -3.82 -4.01
C VAL C 8 -16.35 -3.20 -2.70
N LYS C 9 -17.29 -3.03 -1.79
CA LYS C 9 -16.97 -2.45 -0.48
C LYS C 9 -16.15 -3.44 0.34
N PRO C 10 -15.14 -2.96 1.07
CA PRO C 10 -14.17 -3.88 1.67
C PRO C 10 -14.79 -4.85 2.66
N PHE C 11 -15.83 -4.44 3.37
CA PHE C 11 -16.38 -5.34 4.36
C PHE C 11 -17.21 -6.48 3.76
N THR C 12 -17.41 -6.53 2.43
CA THR C 12 -18.12 -7.67 1.84
C THR C 12 -17.16 -8.78 1.40
N LEU C 13 -15.86 -8.60 1.63
CA LEU C 13 -14.86 -9.48 1.01
C LEU C 13 -15.01 -10.92 1.49
N THR C 14 -15.05 -11.13 2.81
CA THR C 14 -15.17 -12.50 3.33
C THR C 14 -16.47 -13.16 2.90
N ASP C 15 -17.57 -12.39 2.87
CA ASP C 15 -18.84 -12.99 2.46
C ASP C 15 -18.83 -13.42 1.00
N ILE C 16 -18.19 -12.62 0.13
CA ILE C 16 -18.07 -13.02 -1.27
C ILE C 16 -17.20 -14.26 -1.38
N LYS C 17 -16.07 -14.27 -0.65
CA LYS C 17 -15.15 -15.41 -0.71
C LYS C 17 -15.86 -16.69 -0.30
N ASP C 18 -16.64 -16.65 0.79
CA ASP C 18 -17.36 -17.82 1.25
C ASP C 18 -18.43 -18.25 0.26
N ALA C 19 -19.16 -17.29 -0.31
CA ALA C 19 -20.21 -17.65 -1.28
C ALA C 19 -19.60 -18.29 -2.52
N LEU C 20 -18.46 -17.78 -2.98
CA LEU C 20 -17.78 -18.39 -4.12
C LEU C 20 -17.22 -19.78 -3.75
N GLU C 21 -16.68 -19.93 -2.54
CA GLU C 21 -16.16 -21.21 -2.10
C GLU C 21 -17.25 -22.29 -2.11
N GLN C 22 -18.46 -21.95 -1.66
CA GLN C 22 -19.56 -22.90 -1.68
C GLN C 22 -19.98 -23.28 -3.09
N ALA C 23 -19.71 -22.42 -4.06
CA ALA C 23 -19.97 -22.72 -5.46
C ALA C 23 -18.82 -23.47 -6.13
N GLY C 24 -17.79 -23.82 -5.36
CA GLY C 24 -16.65 -24.55 -5.90
C GLY C 24 -15.64 -23.70 -6.61
N VAL C 25 -15.66 -22.39 -6.41
CA VAL C 25 -14.76 -21.48 -7.11
C VAL C 25 -13.67 -21.07 -6.15
N GLN C 26 -12.43 -21.40 -6.49
CA GLN C 26 -11.26 -21.09 -5.66
C GLN C 26 -10.26 -20.26 -6.46
N GLY C 27 -9.49 -19.45 -5.75
CA GLY C 27 -8.36 -18.79 -6.38
C GLY C 27 -8.61 -17.35 -6.78
N MET C 28 -9.21 -16.57 -5.89
CA MET C 28 -9.43 -15.16 -6.17
C MET C 28 -8.24 -14.34 -5.68
N THR C 29 -7.98 -13.27 -6.40
CA THR C 29 -6.98 -12.29 -6.00
C THR C 29 -7.70 -11.01 -5.59
N VAL C 30 -7.16 -10.32 -4.58
CA VAL C 30 -7.80 -9.17 -3.96
C VAL C 30 -6.79 -8.03 -3.88
N THR C 31 -7.18 -6.86 -4.41
CA THR C 31 -6.27 -5.72 -4.46
C THR C 31 -6.96 -4.52 -3.83
N GLU C 32 -6.26 -3.83 -2.92
CA GLU C 32 -6.81 -2.58 -2.41
C GLU C 32 -6.84 -1.53 -3.52
N THR C 33 -7.92 -0.79 -3.60
CA THR C 33 -8.04 0.28 -4.58
C THR C 33 -8.91 1.36 -3.96
N GLN C 34 -9.14 2.44 -4.71
CA GLN C 34 -10.02 3.51 -4.24
C GLN C 34 -10.70 4.10 -5.47
N GLY C 35 -11.87 4.70 -5.27
CA GLY C 35 -12.64 5.14 -6.40
C GLY C 35 -13.35 6.45 -6.17
N PHE C 36 -14.05 6.89 -7.22
CA PHE C 36 -14.88 8.09 -7.19
C PHE C 36 -16.14 7.81 -7.99
N VAL C 53 -9.58 15.59 -2.77
CA VAL C 53 -8.65 14.92 -1.87
C VAL C 53 -9.43 14.24 -0.75
N ASP C 54 -10.16 13.18 -1.10
CA ASP C 54 -10.92 12.38 -0.16
C ASP C 54 -11.38 11.10 -0.87
N PHE C 55 -10.79 9.97 -0.50
CA PHE C 55 -11.01 8.72 -1.22
C PHE C 55 -11.87 7.77 -0.40
N VAL C 56 -12.54 6.87 -1.09
CA VAL C 56 -13.31 5.79 -0.47
C VAL C 56 -12.62 4.49 -0.80
N PRO C 57 -12.17 3.73 0.20
CA PRO C 57 -11.45 2.48 -0.07
C PRO C 57 -12.39 1.43 -0.62
N LYS C 58 -11.92 0.74 -1.65
CA LYS C 58 -12.66 -0.38 -2.22
C LYS C 58 -11.69 -1.55 -2.29
N VAL C 59 -12.20 -2.73 -2.61
CA VAL C 59 -11.34 -3.85 -2.98
C VAL C 59 -11.70 -4.28 -4.39
N LYS C 60 -10.68 -4.61 -5.17
CA LYS C 60 -10.90 -5.25 -6.47
C LYS C 60 -10.71 -6.74 -6.27
N ILE C 61 -11.71 -7.52 -6.64
CA ILE C 61 -11.68 -8.97 -6.63
C ILE C 61 -11.57 -9.44 -8.07
N GLU C 62 -10.69 -10.40 -8.32
CA GLU C 62 -10.55 -10.97 -9.67
C GLU C 62 -10.61 -12.49 -9.57
N VAL C 63 -11.41 -13.08 -10.44
CA VAL C 63 -11.63 -14.52 -10.50
C VAL C 63 -11.47 -14.95 -11.95
N ILE C 64 -10.73 -16.02 -12.19
CA ILE C 64 -10.69 -16.66 -13.51
C ILE C 64 -11.57 -17.90 -13.49
N ILE C 65 -12.43 -18.03 -14.50
CA ILE C 65 -13.54 -18.97 -14.46
C ILE C 65 -13.80 -19.48 -15.88
N SER C 66 -14.33 -20.71 -15.94
CA SER C 66 -14.76 -21.28 -17.22
C SER C 66 -15.92 -20.47 -17.79
N ASP C 67 -16.07 -20.56 -19.10
CA ASP C 67 -17.22 -19.94 -19.78
C ASP C 67 -18.53 -20.40 -19.15
N ALA C 68 -18.63 -21.70 -18.85
CA ALA C 68 -19.88 -22.29 -18.37
C ALA C 68 -20.29 -21.74 -17.01
N GLN C 69 -19.33 -21.35 -16.18
CA GLN C 69 -19.60 -20.92 -14.81
C GLN C 69 -19.56 -19.41 -14.64
N ALA C 70 -19.27 -18.66 -15.72
CA ALA C 70 -18.96 -17.24 -15.58
C ALA C 70 -20.17 -16.44 -15.13
N GLU C 71 -21.36 -16.72 -15.70
CA GLU C 71 -22.52 -15.93 -15.31
C GLU C 71 -22.94 -16.22 -13.88
N GLU C 72 -22.79 -17.47 -13.43
CA GLU C 72 -23.08 -17.80 -12.03
C GLU C 72 -22.16 -17.02 -11.10
N VAL C 73 -20.89 -16.89 -11.46
CA VAL C 73 -19.95 -16.17 -10.62
C VAL C 73 -20.32 -14.70 -10.53
N ILE C 74 -20.70 -14.09 -11.65
CA ILE C 74 -21.21 -12.71 -11.63
C ILE C 74 -22.38 -12.60 -10.65
N ASN C 75 -23.36 -13.50 -10.75
CA ASN C 75 -24.54 -13.43 -9.87
C ASN C 75 -24.17 -13.53 -8.40
N ILE C 76 -23.25 -14.45 -8.06
CA ILE C 76 -22.83 -14.61 -6.66
C ILE C 76 -22.21 -13.31 -6.14
N ILE C 77 -21.28 -12.72 -6.91
CA ILE C 77 -20.63 -11.49 -6.44
C ILE C 77 -21.64 -10.37 -6.30
N VAL C 78 -22.50 -10.20 -7.31
CA VAL C 78 -23.47 -9.12 -7.26
C VAL C 78 -24.37 -9.28 -6.03
N GLU C 79 -24.89 -10.48 -5.82
CA GLU C 79 -25.85 -10.65 -4.75
C GLU C 79 -25.19 -10.57 -3.38
N THR C 80 -23.91 -10.93 -3.29
CA THR C 80 -23.27 -10.90 -1.97
C THR C 80 -22.67 -9.53 -1.66
N ALA C 81 -22.29 -8.77 -2.69
CA ALA C 81 -21.75 -7.44 -2.45
C ALA C 81 -22.84 -6.38 -2.29
N ARG C 82 -24.09 -6.70 -2.62
CA ARG C 82 -25.15 -5.70 -2.57
C ARG C 82 -25.48 -5.30 -1.14
N THR C 83 -25.47 -3.99 -0.86
CA THR C 83 -26.04 -3.42 0.35
C THR C 83 -27.27 -2.59 0.09
N GLY C 84 -27.49 -2.17 -1.15
CA GLY C 84 -28.59 -1.29 -1.49
C GLY C 84 -28.30 0.18 -1.35
N LYS C 85 -27.12 0.56 -0.88
CA LYS C 85 -26.75 1.96 -0.82
C LYS C 85 -25.70 2.25 -1.90
N VAL C 86 -25.50 3.55 -2.15
CA VAL C 86 -24.45 4.03 -3.04
C VAL C 86 -23.10 3.46 -2.62
N GLY C 87 -22.25 3.17 -3.61
CA GLY C 87 -20.94 2.63 -3.35
C GLY C 87 -20.80 1.13 -3.53
N ASP C 88 -21.88 0.45 -3.90
CA ASP C 88 -21.86 -1.01 -3.97
C ASP C 88 -20.92 -1.52 -5.05
N GLY C 89 -20.69 -0.74 -6.10
CA GLY C 89 -19.71 -1.08 -7.11
C GLY C 89 -20.30 -1.71 -8.36
N LYS C 90 -19.41 -2.32 -9.14
CA LYS C 90 -19.76 -2.92 -10.41
C LYS C 90 -18.97 -4.20 -10.59
N VAL C 91 -19.48 -5.06 -11.47
CA VAL C 91 -18.88 -6.35 -11.77
C VAL C 91 -18.82 -6.44 -13.28
N TRP C 92 -17.67 -6.83 -13.84
CA TRP C 92 -17.63 -6.95 -15.29
C TRP C 92 -16.83 -8.17 -15.72
N MET C 93 -17.00 -8.51 -17.00
CA MET C 93 -16.41 -9.70 -17.60
C MET C 93 -15.49 -9.32 -18.77
N THR C 94 -14.29 -9.90 -18.77
CA THR C 94 -13.31 -9.75 -19.82
C THR C 94 -13.01 -11.12 -20.40
N ASN C 95 -12.84 -11.21 -21.71
CA ASN C 95 -12.49 -12.48 -22.32
C ASN C 95 -11.01 -12.81 -22.10
N ILE C 96 -10.74 -14.06 -21.71
CA ILE C 96 -9.35 -14.52 -21.59
C ILE C 96 -9.01 -15.41 -22.79
N GLU C 97 -7.99 -15.02 -23.56
CA GLU C 97 -7.69 -15.74 -24.79
C GLU C 97 -6.73 -16.89 -24.61
N GLU C 98 -5.92 -16.87 -23.55
CA GLU C 98 -5.05 -17.97 -23.22
C GLU C 98 -4.81 -17.91 -21.73
N LEU C 99 -4.72 -19.09 -21.10
CA LEU C 99 -4.48 -19.22 -19.67
C LEU C 99 -3.49 -20.35 -19.41
N VAL C 100 -2.48 -20.10 -18.57
CA VAL C 100 -1.48 -21.11 -18.23
C VAL C 100 -1.35 -21.21 -16.72
N ARG C 101 -1.42 -22.43 -16.18
CA ARG C 101 -1.07 -22.68 -14.78
C ARG C 101 0.43 -22.77 -14.67
N VAL C 102 1.02 -21.89 -13.86
CA VAL C 102 2.49 -21.77 -13.81
C VAL C 102 3.12 -23.08 -13.37
N ARG C 103 2.58 -23.70 -12.31
CA ARG C 103 3.23 -24.86 -11.71
C ARG C 103 3.34 -26.02 -12.69
N THR C 104 2.30 -26.27 -13.49
CA THR C 104 2.27 -27.43 -14.37
C THR C 104 2.49 -27.12 -15.84
N GLY C 105 2.27 -25.88 -16.26
CA GLY C 105 2.22 -25.60 -17.67
C GLY C 105 0.94 -26.04 -18.35
N GLU C 106 -0.08 -26.40 -17.58
CA GLU C 106 -1.35 -26.75 -18.19
C GLU C 106 -1.99 -25.50 -18.77
N ARG C 107 -2.74 -25.67 -19.84
CA ARG C 107 -3.32 -24.52 -20.52
C ARG C 107 -4.83 -24.67 -20.61
N GLY C 108 -5.47 -23.54 -20.90
CA GLY C 108 -6.90 -23.53 -21.12
C GLY C 108 -7.65 -24.13 -19.96
N GLU C 109 -8.59 -25.00 -20.29
CA GLU C 109 -9.47 -25.60 -19.29
C GLU C 109 -8.68 -26.35 -18.23
N ALA C 110 -7.57 -26.98 -18.63
CA ALA C 110 -6.76 -27.73 -17.66
C ALA C 110 -6.09 -26.81 -16.65
N ALA C 111 -5.97 -25.52 -16.96
CA ALA C 111 -5.36 -24.56 -16.04
C ALA C 111 -6.35 -23.96 -15.07
N LEU C 112 -7.65 -24.20 -15.26
CA LEU C 112 -8.69 -23.57 -14.45
C LEU C 112 -8.72 -24.14 -13.04
N MET D 1 20.12 12.71 20.46
CA MET D 1 19.65 12.39 19.10
C MET D 1 18.11 12.41 19.12
N LYS D 2 17.46 12.90 18.05
CA LYS D 2 16.01 13.07 18.07
C LYS D 2 15.40 12.45 16.81
N LEU D 3 14.16 11.97 16.95
CA LEU D 3 13.35 11.63 15.78
C LEU D 3 12.30 12.72 15.62
N ILE D 4 12.21 13.31 14.43
CA ILE D 4 11.17 14.27 14.11
C ILE D 4 10.18 13.56 13.22
N THR D 5 8.92 13.49 13.65
CA THR D 5 7.86 12.89 12.85
C THR D 5 6.84 13.96 12.48
N ALA D 6 6.34 13.94 11.25
CA ALA D 6 5.33 14.90 10.84
C ALA D 6 4.27 14.16 10.05
N ILE D 7 3.00 14.52 10.26
CA ILE D 7 1.90 14.08 9.41
C ILE D 7 1.44 15.29 8.62
N VAL D 8 1.60 15.25 7.29
CA VAL D 8 1.43 16.41 6.44
C VAL D 8 0.64 16.02 5.20
N LYS D 9 0.17 17.04 4.49
CA LYS D 9 -0.57 16.78 3.27
C LYS D 9 0.37 16.27 2.17
N PRO D 10 -0.07 15.33 1.35
CA PRO D 10 0.87 14.67 0.43
C PRO D 10 1.55 15.63 -0.55
N PHE D 11 0.90 16.73 -0.94
CA PHE D 11 1.50 17.59 -1.96
C PHE D 11 2.56 18.53 -1.41
N THR D 12 2.79 18.55 -0.10
CA THR D 12 3.90 19.31 0.47
C THR D 12 5.20 18.52 0.48
N LEU D 13 5.17 17.25 0.05
CA LEU D 13 6.30 16.35 0.28
C LEU D 13 7.57 16.83 -0.40
N THR D 14 7.49 17.18 -1.69
CA THR D 14 8.70 17.60 -2.39
C THR D 14 9.25 18.91 -1.82
N ASP D 15 8.37 19.85 -1.48
CA ASP D 15 8.83 21.11 -0.88
C ASP D 15 9.58 20.84 0.43
N ILE D 16 9.08 19.91 1.24
CA ILE D 16 9.75 19.57 2.50
C ILE D 16 11.11 18.92 2.23
N LYS D 17 11.15 17.94 1.32
CA LYS D 17 12.42 17.31 0.98
C LYS D 17 13.46 18.33 0.52
N ASP D 18 13.06 19.23 -0.39
CA ASP D 18 14.00 20.22 -0.90
C ASP D 18 14.50 21.13 0.21
N ALA D 19 13.60 21.57 1.08
CA ALA D 19 13.97 22.51 2.14
C ALA D 19 14.89 21.86 3.15
N LEU D 20 14.64 20.59 3.47
CA LEU D 20 15.56 19.84 4.33
C LEU D 20 16.91 19.66 3.63
N GLU D 21 16.90 19.17 2.39
CA GLU D 21 18.14 18.98 1.65
C GLU D 21 18.95 20.27 1.60
N GLN D 22 18.27 21.39 1.39
CA GLN D 22 18.93 22.69 1.37
C GLN D 22 19.64 22.97 2.69
N ALA D 23 19.11 22.47 3.80
CA ALA D 23 19.73 22.62 5.10
C ALA D 23 20.70 21.49 5.42
N GLY D 24 21.12 20.73 4.42
CA GLY D 24 22.06 19.65 4.69
C GLY D 24 21.45 18.45 5.39
N VAL D 25 20.12 18.37 5.48
CA VAL D 25 19.47 17.28 6.17
C VAL D 25 18.97 16.29 5.12
N GLN D 26 19.48 15.07 5.19
CA GLN D 26 19.12 14.01 4.26
C GLN D 26 18.58 12.82 5.03
N GLY D 27 18.02 11.87 4.31
CA GLY D 27 17.65 10.58 4.89
C GLY D 27 16.25 10.45 5.41
N MET D 28 15.28 11.16 4.85
CA MET D 28 13.92 11.06 5.36
C MET D 28 13.23 9.80 4.89
N THR D 29 12.31 9.32 5.72
CA THR D 29 11.46 8.16 5.43
C THR D 29 10.03 8.67 5.20
N VAL D 30 9.33 8.13 4.19
CA VAL D 30 7.97 8.58 3.94
C VAL D 30 7.04 7.37 3.90
N THR D 31 5.94 7.44 4.68
CA THR D 31 4.96 6.38 4.75
C THR D 31 3.57 6.91 4.44
N GLU D 32 2.85 6.28 3.50
CA GLU D 32 1.47 6.68 3.28
C GLU D 32 0.63 6.34 4.51
N THR D 33 -0.22 7.28 4.92
CA THR D 33 -1.10 7.04 6.05
C THR D 33 -2.39 7.79 5.80
N GLN D 34 -3.30 7.73 6.76
CA GLN D 34 -4.51 8.52 6.55
C GLN D 34 -5.15 8.90 7.88
N GLY D 35 -5.95 9.97 7.80
CA GLY D 35 -6.82 10.37 8.88
C GLY D 35 -8.27 10.18 8.48
N PHE D 36 -9.15 10.50 9.43
CA PHE D 36 -10.59 10.50 9.17
C PHE D 36 -11.08 11.91 8.83
N GLU D 44 -21.47 3.72 7.59
CA GLU D 44 -22.26 2.64 7.00
C GLU D 44 -22.11 1.36 7.81
N VAL D 45 -23.25 0.73 8.17
CA VAL D 45 -23.25 -0.49 8.95
C VAL D 45 -23.50 -1.68 8.03
N TYR D 46 -22.98 -2.83 8.42
CA TYR D 46 -23.09 -4.05 7.61
C TYR D 46 -23.00 -5.30 8.49
N ALA D 52 -16.66 3.66 9.06
CA ALA D 52 -16.16 4.88 8.44
C ALA D 52 -15.89 4.67 6.95
N VAL D 53 -16.46 5.55 6.14
CA VAL D 53 -16.35 5.46 4.68
C VAL D 53 -15.19 6.30 4.15
N ASP D 54 -15.14 7.58 4.50
CA ASP D 54 -14.16 8.50 3.95
C ASP D 54 -12.86 8.48 4.72
N PHE D 55 -11.75 8.59 4.00
CA PHE D 55 -10.43 8.73 4.58
C PHE D 55 -9.73 9.91 3.92
N VAL D 56 -8.75 10.48 4.61
CA VAL D 56 -8.02 11.64 4.14
C VAL D 56 -6.56 11.21 3.96
N PRO D 57 -6.05 11.14 2.72
CA PRO D 57 -4.67 10.71 2.52
C PRO D 57 -3.71 11.70 3.14
N LYS D 58 -2.75 11.17 3.90
CA LYS D 58 -1.69 11.93 4.52
C LYS D 58 -0.38 11.21 4.27
N VAL D 59 0.72 11.90 4.50
CA VAL D 59 2.01 11.22 4.55
C VAL D 59 2.66 11.47 5.90
N LYS D 60 3.27 10.42 6.44
CA LYS D 60 4.13 10.54 7.62
C LYS D 60 5.56 10.65 7.14
N ILE D 61 6.26 11.69 7.60
CA ILE D 61 7.66 11.92 7.28
C ILE D 61 8.44 11.75 8.58
N GLU D 62 9.53 11.00 8.53
CA GLU D 62 10.38 10.85 9.70
C GLU D 62 11.82 11.18 9.36
N VAL D 63 12.47 11.92 10.25
CA VAL D 63 13.82 12.42 10.05
C VAL D 63 14.58 12.18 11.34
N ILE D 64 15.72 11.51 11.22
CA ILE D 64 16.65 11.37 12.35
C ILE D 64 17.64 12.54 12.36
N ILE D 65 17.82 13.19 13.53
CA ILE D 65 18.48 14.49 13.55
C ILE D 65 19.24 14.65 14.86
N SER D 66 20.37 15.33 14.79
CA SER D 66 21.09 15.68 16.03
C SER D 66 20.29 16.63 16.93
N ASP D 67 20.61 16.59 18.23
CA ASP D 67 19.98 17.57 19.14
C ASP D 67 20.20 19.00 18.69
N ALA D 68 21.39 19.30 18.14
CA ALA D 68 21.70 20.68 17.80
C ALA D 68 20.88 21.20 16.65
N GLN D 69 20.40 20.33 15.77
CA GLN D 69 19.66 20.75 14.60
C GLN D 69 18.17 20.47 14.73
N ALA D 70 17.73 19.87 15.85
CA ALA D 70 16.34 19.39 15.93
C ALA D 70 15.32 20.52 15.79
N GLU D 71 15.52 21.65 16.48
CA GLU D 71 14.52 22.71 16.39
C GLU D 71 14.46 23.31 14.99
N GLU D 72 15.62 23.47 14.35
CA GLU D 72 15.65 23.98 12.98
C GLU D 72 14.86 23.08 12.04
N VAL D 73 15.05 21.76 12.18
CA VAL D 73 14.34 20.84 11.32
C VAL D 73 12.84 20.91 11.56
N ILE D 74 12.43 20.99 12.83
CA ILE D 74 11.01 21.19 13.12
C ILE D 74 10.50 22.43 12.40
N ASN D 75 11.23 23.54 12.52
CA ASN D 75 10.77 24.79 11.94
C ASN D 75 10.70 24.71 10.42
N ILE D 76 11.68 24.06 9.78
CA ILE D 76 11.63 23.90 8.33
C ILE D 76 10.39 23.14 7.91
N ILE D 77 10.09 22.04 8.60
CA ILE D 77 8.95 21.23 8.20
C ILE D 77 7.65 22.00 8.41
N VAL D 78 7.52 22.65 9.57
CA VAL D 78 6.30 23.41 9.86
C VAL D 78 6.08 24.49 8.80
N GLU D 79 7.11 25.29 8.51
CA GLU D 79 6.94 26.37 7.54
C GLU D 79 6.69 25.83 6.14
N THR D 80 7.34 24.72 5.79
CA THR D 80 7.20 24.20 4.44
C THR D 80 5.91 23.43 4.25
N ALA D 81 5.36 22.81 5.30
CA ALA D 81 4.13 22.05 5.15
C ALA D 81 2.86 22.89 5.33
N ARG D 82 2.98 24.17 5.70
CA ARG D 82 1.82 24.98 6.05
C ARG D 82 1.09 25.49 4.82
N THR D 83 -0.23 25.33 4.80
CA THR D 83 -1.08 25.96 3.79
C THR D 83 -1.97 27.04 4.39
N GLY D 84 -2.15 27.06 5.71
CA GLY D 84 -3.11 27.91 6.35
C GLY D 84 -4.49 27.31 6.46
N LYS D 85 -4.74 26.20 5.79
CA LYS D 85 -6.04 25.54 5.80
C LYS D 85 -6.04 24.37 6.79
N VAL D 86 -7.23 24.01 7.24
CA VAL D 86 -7.38 22.91 8.18
C VAL D 86 -6.86 21.62 7.55
N GLY D 87 -6.32 20.74 8.40
CA GLY D 87 -5.73 19.51 7.93
C GLY D 87 -4.24 19.56 7.69
N ASP D 88 -3.60 20.69 7.98
CA ASP D 88 -2.16 20.82 7.73
C ASP D 88 -1.31 19.83 8.54
N GLY D 89 -1.79 19.34 9.68
CA GLY D 89 -1.08 18.31 10.43
C GLY D 89 -0.25 18.85 11.58
N LYS D 90 0.62 17.98 12.08
CA LYS D 90 1.40 18.25 13.26
C LYS D 90 2.79 17.65 13.12
N VAL D 91 3.72 18.19 13.91
CA VAL D 91 5.13 17.81 13.91
C VAL D 91 5.52 17.58 15.36
N TRP D 92 6.20 16.46 15.63
CA TRP D 92 6.57 16.21 17.02
C TRP D 92 7.96 15.60 17.12
N MET D 93 8.54 15.68 18.33
CA MET D 93 9.91 15.24 18.58
C MET D 93 9.89 14.12 19.63
N THR D 94 10.61 13.03 19.36
CA THR D 94 10.79 11.94 20.33
C THR D 94 12.28 11.73 20.49
N ASN D 95 12.66 11.23 21.65
CA ASN D 95 14.07 11.03 21.94
C ASN D 95 14.58 9.69 21.42
N ILE D 96 15.78 9.69 20.82
CA ILE D 96 16.40 8.47 20.33
C ILE D 96 17.51 8.07 21.30
N GLU D 97 17.37 6.89 21.90
CA GLU D 97 18.35 6.48 22.94
C GLU D 97 19.56 5.78 22.35
N GLU D 98 19.47 5.28 21.12
CA GLU D 98 20.59 4.67 20.43
C GLU D 98 20.29 4.70 18.94
N LEU D 99 21.30 5.07 18.16
CA LEU D 99 21.18 5.08 16.69
C LEU D 99 22.32 4.23 16.15
N VAL D 100 22.03 3.34 15.21
CA VAL D 100 23.06 2.50 14.59
C VAL D 100 22.95 2.56 13.06
N ARG D 101 24.09 2.75 12.40
CA ARG D 101 24.16 2.60 10.95
C ARG D 101 24.40 1.14 10.61
N VAL D 102 23.48 0.55 9.84
CA VAL D 102 23.54 -0.89 9.62
C VAL D 102 24.84 -1.27 8.94
N ARG D 103 25.29 -0.44 7.99
CA ARG D 103 26.44 -0.82 7.14
C ARG D 103 27.71 -0.98 7.95
N THR D 104 27.88 -0.17 9.00
CA THR D 104 29.13 -0.13 9.73
C THR D 104 29.00 -0.54 11.18
N GLY D 105 27.80 -0.50 11.76
CA GLY D 105 27.66 -0.67 13.19
C GLY D 105 28.03 0.57 13.99
N GLU D 106 28.31 1.68 13.32
CA GLU D 106 28.62 2.93 14.00
C GLU D 106 27.40 3.45 14.75
N ARG D 107 27.65 4.07 15.92
CA ARG D 107 26.59 4.62 16.73
C ARG D 107 26.61 6.15 16.70
N GLY D 108 25.51 6.75 17.17
CA GLY D 108 25.58 8.15 17.57
C GLY D 108 25.83 9.06 16.39
N GLU D 109 26.67 10.08 16.60
CA GLU D 109 26.90 11.06 15.53
C GLU D 109 27.58 10.43 14.34
N ALA D 110 28.33 9.35 14.53
CA ALA D 110 28.98 8.69 13.40
C ALA D 110 27.99 7.94 12.52
N ALA D 111 26.73 7.79 12.96
CA ALA D 111 25.68 7.09 12.23
C ALA D 111 24.75 8.04 11.49
N LEU D 112 24.89 9.35 11.70
CA LEU D 112 24.07 10.33 11.00
C LEU D 112 24.47 10.43 9.54
N MET E 1 10.91 -0.93 29.24
CA MET E 1 10.51 -1.45 27.91
C MET E 1 11.06 -0.54 26.79
N LYS E 2 11.43 -1.11 25.65
CA LYS E 2 12.04 -0.34 24.56
C LYS E 2 11.35 -0.71 23.27
N LEU E 3 11.33 0.22 22.36
CA LEU E 3 10.90 -0.03 20.99
C LEU E 3 12.13 0.02 20.11
N ILE E 4 12.40 -1.05 19.38
CA ILE E 4 13.47 -1.05 18.39
C ILE E 4 12.81 -0.86 17.03
N THR E 5 13.26 0.16 16.28
CA THR E 5 12.78 0.44 14.92
C THR E 5 13.95 0.33 13.95
N ALA E 6 13.73 -0.31 12.81
CA ALA E 6 14.77 -0.51 11.82
C ALA E 6 14.18 -0.19 10.48
N ILE E 7 14.91 0.56 9.66
CA ILE E 7 14.52 0.79 8.27
C ILE E 7 15.55 0.04 7.43
N VAL E 8 15.12 -1.03 6.73
CA VAL E 8 16.05 -1.95 6.07
C VAL E 8 15.54 -2.26 4.68
N LYS E 9 16.42 -2.88 3.89
CA LYS E 9 16.04 -3.29 2.54
C LYS E 9 15.02 -4.42 2.60
N PRO E 10 14.02 -4.41 1.72
CA PRO E 10 12.93 -5.38 1.85
C PRO E 10 13.38 -6.82 1.76
N PHE E 11 14.40 -7.12 0.93
CA PHE E 11 14.80 -8.51 0.77
C PHE E 11 15.58 -9.04 1.97
N THR E 12 15.83 -8.24 3.01
CA THR E 12 16.43 -8.79 4.22
C THR E 12 15.39 -9.25 5.24
N LEU E 13 14.10 -9.01 5.00
CA LEU E 13 13.09 -9.21 6.04
C LEU E 13 13.06 -10.64 6.55
N THR E 14 13.05 -11.62 5.64
CA THR E 14 12.99 -13.02 6.06
C THR E 14 14.17 -13.39 6.95
N ASP E 15 15.39 -12.99 6.53
CA ASP E 15 16.58 -13.32 7.32
C ASP E 15 16.54 -12.67 8.69
N ILE E 16 16.04 -11.44 8.78
CA ILE E 16 15.95 -10.77 10.08
C ILE E 16 14.96 -11.49 10.98
N LYS E 17 13.78 -11.81 10.45
CA LYS E 17 12.77 -12.51 11.24
C LYS E 17 13.28 -13.84 11.76
N ASP E 18 13.97 -14.61 10.92
CA ASP E 18 14.50 -15.90 11.35
C ASP E 18 15.55 -15.74 12.43
N ALA E 19 16.41 -14.72 12.29
CA ALA E 19 17.51 -14.56 13.24
C ALA E 19 16.98 -14.17 14.62
N LEU E 20 15.91 -13.35 14.65
CA LEU E 20 15.28 -12.98 15.92
C LEU E 20 14.55 -14.18 16.52
N GLU E 21 13.88 -14.99 15.69
CA GLU E 21 13.13 -16.12 16.23
C GLU E 21 14.06 -17.15 16.86
N GLN E 22 15.24 -17.37 16.26
CA GLN E 22 16.19 -18.29 16.88
C GLN E 22 16.84 -17.72 18.12
N ALA E 23 16.73 -16.41 18.35
CA ALA E 23 17.14 -15.80 19.60
C ALA E 23 16.01 -15.76 20.63
N GLY E 24 14.87 -16.37 20.31
CA GLY E 24 13.74 -16.39 21.20
C GLY E 24 12.88 -15.15 21.15
N VAL E 25 13.09 -14.29 20.17
CA VAL E 25 12.42 -13.00 20.09
C VAL E 25 11.34 -13.12 19.02
N GLN E 26 10.09 -13.19 19.46
CA GLN E 26 8.96 -13.22 18.55
C GLN E 26 8.09 -12.00 18.82
N GLY E 27 7.34 -11.59 17.80
CA GLY E 27 6.64 -10.33 17.90
C GLY E 27 7.37 -9.27 17.10
N MET E 28 6.71 -8.81 16.05
CA MET E 28 7.32 -7.84 15.15
C MET E 28 6.21 -7.28 14.29
N THR E 29 6.26 -5.97 14.03
CA THR E 29 5.34 -5.33 13.10
C THR E 29 6.15 -4.79 11.93
N VAL E 30 5.66 -5.00 10.71
CA VAL E 30 6.39 -4.58 9.51
C VAL E 30 5.52 -3.66 8.67
N THR E 31 6.08 -2.52 8.28
CA THR E 31 5.36 -1.59 7.44
C THR E 31 6.18 -1.26 6.20
N GLU E 32 5.54 -1.20 5.03
CA GLU E 32 6.25 -0.74 3.84
C GLU E 32 6.43 0.77 3.89
N THR E 33 7.62 1.24 3.52
CA THR E 33 7.94 2.66 3.55
C THR E 33 8.91 2.94 2.42
N GLN E 34 9.27 4.22 2.26
CA GLN E 34 10.17 4.62 1.19
C GLN E 34 11.17 5.65 1.71
N GLY E 35 12.40 5.54 1.20
CA GLY E 35 13.34 6.64 1.23
C GLY E 35 13.52 7.21 -0.17
N PHE E 36 14.35 8.26 -0.25
CA PHE E 36 14.70 8.84 -1.56
C PHE E 36 16.06 8.32 -2.05
N THR E 43 14.27 14.65 -9.99
CA THR E 43 13.22 15.64 -9.86
C THR E 43 12.54 15.91 -11.21
N GLU E 44 11.25 16.21 -11.19
CA GLU E 44 10.48 16.56 -12.39
C GLU E 44 9.54 17.72 -12.08
N VAL E 45 9.37 18.61 -13.05
CA VAL E 45 8.49 19.77 -12.92
C VAL E 45 7.17 19.49 -13.61
N TYR E 46 6.06 19.83 -12.96
CA TYR E 46 4.72 19.65 -13.51
C TYR E 46 3.81 20.71 -12.92
N ARG E 47 3.44 21.71 -13.70
CA ARG E 47 2.61 22.77 -13.17
C ARG E 47 1.33 22.88 -13.99
N ALA E 49 4.23 22.16 -10.19
CA ALA E 49 5.26 22.27 -9.16
C ALA E 49 6.40 21.28 -9.40
N GLU E 50 7.34 21.23 -8.46
CA GLU E 50 8.43 20.27 -8.51
C GLU E 50 8.02 18.99 -7.82
N TYR E 51 8.45 17.87 -8.39
CA TYR E 51 8.17 16.54 -7.83
C TYR E 51 9.45 15.71 -7.82
N ALA E 52 9.81 15.20 -6.65
CA ALA E 52 10.84 14.16 -6.57
C ALA E 52 10.28 12.87 -7.16
N VAL E 53 11.06 12.20 -8.01
CA VAL E 53 10.50 11.17 -8.87
C VAL E 53 10.97 9.75 -8.51
N ASP E 54 12.14 9.59 -7.90
CA ASP E 54 12.70 8.27 -7.68
C ASP E 54 12.65 7.91 -6.20
N PHE E 55 11.97 6.81 -5.89
CA PHE E 55 11.84 6.34 -4.52
C PHE E 55 12.55 5.00 -4.38
N VAL E 56 13.01 4.70 -3.17
CA VAL E 56 13.67 3.44 -2.88
C VAL E 56 12.83 2.70 -1.86
N PRO E 57 12.43 1.46 -2.11
CA PRO E 57 11.53 0.76 -1.20
C PRO E 57 12.30 0.20 -0.01
N LYS E 58 11.71 0.36 1.15
CA LYS E 58 12.27 -0.09 2.43
C LYS E 58 11.16 -0.77 3.21
N VAL E 59 11.52 -1.50 4.26
CA VAL E 59 10.54 -1.96 5.24
C VAL E 59 10.93 -1.39 6.60
N LYS E 60 9.93 -0.98 7.36
CA LYS E 60 10.11 -0.59 8.75
C LYS E 60 9.75 -1.78 9.62
N ILE E 61 10.69 -2.21 10.46
CA ILE E 61 10.49 -3.32 11.37
C ILE E 61 10.45 -2.74 12.77
N GLU E 62 9.43 -3.09 13.54
CA GLU E 62 9.26 -2.59 14.91
C GLU E 62 9.13 -3.77 15.85
N VAL E 63 9.96 -3.77 16.89
CA VAL E 63 9.99 -4.84 17.87
C VAL E 63 9.91 -4.19 19.25
N ILE E 64 8.90 -4.56 20.03
CA ILE E 64 8.81 -4.18 21.43
C ILE E 64 9.59 -5.20 22.25
N ILE E 65 10.44 -4.73 23.18
CA ILE E 65 11.42 -5.62 23.78
C ILE E 65 11.69 -5.17 25.22
N SER E 66 12.08 -6.13 26.06
CA SER E 66 12.56 -5.80 27.40
C SER E 66 13.84 -4.97 27.35
N ASP E 67 14.09 -4.17 28.41
CA ASP E 67 15.35 -3.45 28.49
C ASP E 67 16.55 -4.38 28.35
N ALA E 68 16.50 -5.53 29.02
CA ALA E 68 17.65 -6.43 29.06
C ALA E 68 17.97 -7.06 27.70
N GLN E 69 17.00 -7.17 26.79
CA GLN E 69 17.25 -7.74 25.46
C GLN E 69 17.37 -6.69 24.38
N ALA E 70 17.26 -5.41 24.72
CA ALA E 70 17.20 -4.39 23.68
C ALA E 70 18.47 -4.39 22.84
N GLU E 71 19.63 -4.48 23.50
CA GLU E 71 20.87 -4.35 22.75
CA GLU E 71 20.88 -4.35 22.75
C GLU E 71 21.11 -5.57 21.86
N GLU E 72 20.74 -6.76 22.35
CA GLU E 72 20.87 -7.96 21.54
C GLU E 72 20.01 -7.86 20.27
N VAL E 73 18.77 -7.39 20.39
CA VAL E 73 17.89 -7.27 19.23
C VAL E 73 18.46 -6.30 18.21
N ILE E 74 18.97 -5.15 18.66
CA ILE E 74 19.64 -4.21 17.78
C ILE E 74 20.77 -4.90 17.01
N ASN E 75 21.70 -5.57 17.73
CA ASN E 75 22.82 -6.23 17.09
C ASN E 75 22.38 -7.32 16.09
N ILE E 76 21.33 -8.10 16.43
CA ILE E 76 20.83 -9.09 15.47
C ILE E 76 20.32 -8.41 14.20
N ILE E 77 19.56 -7.33 14.33
CA ILE E 77 19.02 -6.71 13.13
C ILE E 77 20.14 -6.10 12.30
N VAL E 78 21.05 -5.38 12.96
CA VAL E 78 22.18 -4.76 12.27
C VAL E 78 22.99 -5.81 11.53
N GLU E 79 23.34 -6.90 12.21
CA GLU E 79 24.21 -7.89 11.59
C GLU E 79 23.52 -8.61 10.44
N THR E 80 22.20 -8.77 10.51
CA THR E 80 21.46 -9.52 9.48
C THR E 80 21.08 -8.65 8.30
N ALA E 81 20.70 -7.40 8.55
CA ALA E 81 20.33 -6.48 7.49
C ALA E 81 21.53 -5.99 6.69
N ARG E 82 22.76 -6.20 7.20
CA ARG E 82 23.94 -5.63 6.57
C ARG E 82 24.26 -6.34 5.26
N THR E 83 24.51 -5.54 4.22
CA THR E 83 25.06 -6.02 2.96
C THR E 83 26.37 -5.36 2.58
N GLY E 84 26.83 -4.37 3.35
CA GLY E 84 28.01 -3.62 3.01
C GLY E 84 27.78 -2.51 2.00
N LYS E 85 26.77 -2.64 1.15
CA LYS E 85 26.49 -1.60 0.18
C LYS E 85 25.79 -0.42 0.86
N VAL E 86 25.70 0.69 0.13
CA VAL E 86 25.08 1.88 0.70
C VAL E 86 23.57 1.70 0.69
N GLY E 87 22.90 2.38 1.62
CA GLY E 87 21.47 2.22 1.79
C GLY E 87 21.04 1.05 2.65
N ASP E 88 21.97 0.45 3.42
CA ASP E 88 21.61 -0.64 4.32
C ASP E 88 20.64 -0.20 5.42
N GLY E 89 20.52 1.09 5.69
CA GLY E 89 19.52 1.59 6.62
C GLY E 89 20.07 1.88 8.00
N LYS E 90 19.12 2.03 8.93
CA LYS E 90 19.42 2.46 10.31
C LYS E 90 18.51 1.72 11.29
N VAL E 91 19.00 1.55 12.52
CA VAL E 91 18.22 0.98 13.61
C VAL E 91 18.24 1.99 14.78
N TRP E 92 17.10 2.19 15.43
CA TRP E 92 17.12 3.09 16.58
C TRP E 92 16.21 2.62 17.70
N MET E 93 16.44 3.15 18.89
CA MET E 93 15.77 2.72 20.11
C MET E 93 15.05 3.92 20.72
N THR E 94 13.79 3.70 21.11
CA THR E 94 13.04 4.71 21.84
C THR E 94 12.48 4.05 23.08
N ASN E 95 12.24 4.87 24.11
CA ASN E 95 11.73 4.36 25.38
C ASN E 95 10.21 4.19 25.33
N ILE E 96 9.72 3.07 25.88
CA ILE E 96 8.29 2.82 26.03
C ILE E 96 7.92 3.02 27.50
N GLU E 97 7.06 4.00 27.79
CA GLU E 97 6.73 4.34 29.17
C GLU E 97 5.59 3.50 29.71
N GLU E 98 4.72 3.00 28.84
CA GLU E 98 3.65 2.12 29.27
C GLU E 98 3.37 1.12 28.15
N LEU E 99 3.02 -0.11 28.53
CA LEU E 99 2.72 -1.17 27.56
C LEU E 99 1.56 -2.01 28.07
N VAL E 100 0.58 -2.27 27.20
CA VAL E 100 -0.59 -3.08 27.58
C VAL E 100 -0.84 -4.15 26.52
N ARG E 101 -1.02 -5.39 26.96
CA ARG E 101 -1.49 -6.46 26.06
C ARG E 101 -3.01 -6.40 25.99
N VAL E 102 -3.55 -6.14 24.78
CA VAL E 102 -4.97 -5.89 24.62
C VAL E 102 -5.80 -7.06 25.14
N ARG E 103 -5.39 -8.30 24.80
CA ARG E 103 -6.23 -9.46 25.08
C ARG E 103 -6.50 -9.63 26.56
N THR E 104 -5.44 -9.54 27.37
CA THR E 104 -5.51 -9.83 28.80
C THR E 104 -5.50 -8.61 29.69
N GLY E 105 -5.13 -7.44 29.16
CA GLY E 105 -4.91 -6.28 30.01
C GLY E 105 -3.64 -6.32 30.83
N GLU E 106 -2.76 -7.29 30.63
CA GLU E 106 -1.47 -7.29 31.33
C GLU E 106 -0.68 -6.04 30.95
N ARG E 107 0.14 -5.55 31.89
CA ARG E 107 0.88 -4.30 31.75
C ARG E 107 2.38 -4.52 31.96
N GLY E 108 3.18 -3.64 31.36
CA GLY E 108 4.61 -3.64 31.60
C GLY E 108 5.27 -4.92 31.11
N GLU E 109 6.12 -5.48 31.98
CA GLU E 109 6.80 -6.74 31.70
C GLU E 109 5.83 -7.86 31.37
N ALA E 110 4.72 -7.95 32.11
CA ALA E 110 3.74 -9.01 31.86
C ALA E 110 3.12 -8.91 30.47
N ALA E 111 3.21 -7.74 29.84
CA ALA E 111 2.65 -7.56 28.51
C ALA E 111 3.65 -7.86 27.40
N LEU E 112 4.92 -8.08 27.73
CA LEU E 112 5.92 -8.31 26.68
C LEU E 112 5.72 -9.67 26.01
N MET F 1 3.12 15.89 26.87
CA MET F 1 2.40 15.29 25.74
C MET F 1 2.87 13.85 25.57
N LYS F 2 1.95 12.96 25.16
CA LYS F 2 2.25 11.55 24.92
C LYS F 2 1.74 11.12 23.56
N LEU F 3 2.46 10.18 22.94
CA LEU F 3 2.00 9.47 21.75
C LEU F 3 1.49 8.09 22.17
N ILE F 4 0.24 7.78 21.81
CA ILE F 4 -0.33 6.45 22.05
C ILE F 4 -0.36 5.71 20.73
N THR F 5 0.29 4.54 20.68
CA THR F 5 0.34 3.72 19.49
C THR F 5 -0.31 2.38 19.79
N ALA F 6 -1.16 1.89 18.89
CA ALA F 6 -1.77 0.58 19.06
C ALA F 6 -1.72 -0.18 17.75
N ILE F 7 -1.44 -1.48 17.84
CA ILE F 7 -1.51 -2.41 16.72
C ILE F 7 -2.72 -3.28 16.99
N VAL F 8 -3.76 -3.19 16.15
CA VAL F 8 -5.05 -3.78 16.46
C VAL F 8 -5.61 -4.46 15.21
N LYS F 9 -6.62 -5.29 15.42
CA LYS F 9 -7.28 -5.96 14.30
C LYS F 9 -8.05 -4.94 13.46
N PRO F 10 -8.02 -5.06 12.13
CA PRO F 10 -8.60 -4.00 11.28
C PRO F 10 -10.07 -3.78 11.53
N PHE F 11 -10.83 -4.82 11.86
CA PHE F 11 -12.25 -4.62 12.03
C PHE F 11 -12.62 -3.96 13.36
N THR F 12 -11.66 -3.57 14.20
CA THR F 12 -11.99 -2.80 15.39
C THR F 12 -11.82 -1.30 15.20
N LEU F 13 -11.44 -0.87 14.00
CA LEU F 13 -10.99 0.51 13.82
C LEU F 13 -12.13 1.51 14.01
N THR F 14 -13.28 1.27 13.37
CA THR F 14 -14.39 2.21 13.53
C THR F 14 -14.89 2.26 14.96
N ASP F 15 -14.93 1.12 15.65
CA ASP F 15 -15.36 1.14 17.04
C ASP F 15 -14.39 1.92 17.90
N ILE F 16 -13.09 1.77 17.66
CA ILE F 16 -12.13 2.54 18.44
C ILE F 16 -12.28 4.03 18.14
N LYS F 17 -12.43 4.38 16.85
CA LYS F 17 -12.61 5.79 16.50
C LYS F 17 -13.82 6.40 17.19
N ASP F 18 -14.95 5.67 17.19
CA ASP F 18 -16.15 6.18 17.85
C ASP F 18 -15.94 6.33 19.34
N ALA F 19 -15.32 5.32 19.98
CA ALA F 19 -15.11 5.38 21.42
C ALA F 19 -14.22 6.56 21.80
N LEU F 20 -13.21 6.85 20.98
CA LEU F 20 -12.33 7.98 21.26
C LEU F 20 -13.04 9.31 21.06
N GLU F 21 -13.87 9.41 20.03
CA GLU F 21 -14.55 10.68 19.74
C GLU F 21 -15.51 11.05 20.86
N GLN F 22 -16.22 10.06 21.43
CA GLN F 22 -17.10 10.37 22.55
C GLN F 22 -16.31 10.75 23.79
N ALA F 23 -15.03 10.43 23.85
CA ALA F 23 -14.17 10.93 24.91
C ALA F 23 -13.55 12.28 24.57
N GLY F 24 -13.92 12.86 23.44
CA GLY F 24 -13.41 14.14 23.01
C GLY F 24 -12.05 14.10 22.37
N VAL F 25 -11.59 12.93 21.94
CA VAL F 25 -10.26 12.76 21.35
C VAL F 25 -10.44 12.77 19.84
N GLN F 26 -9.86 13.78 19.19
CA GLN F 26 -10.13 14.06 17.79
C GLN F 26 -9.16 13.35 16.85
N GLY F 27 -7.94 13.88 16.76
CA GLY F 27 -7.02 13.43 15.73
C GLY F 27 -6.61 11.99 15.93
N MET F 28 -6.42 11.30 14.81
CA MET F 28 -6.01 9.91 14.81
C MET F 28 -5.48 9.59 13.42
N THR F 29 -4.31 8.98 13.36
CA THR F 29 -3.75 8.53 12.09
C THR F 29 -3.77 7.00 12.06
N VAL F 30 -4.05 6.45 10.88
CA VAL F 30 -4.26 5.02 10.72
C VAL F 30 -3.39 4.51 9.58
N THR F 31 -2.52 3.54 9.87
CA THR F 31 -1.61 3.00 8.87
C THR F 31 -1.77 1.49 8.76
N GLU F 32 -1.90 0.97 7.53
CA GLU F 32 -1.92 -0.47 7.34
C GLU F 32 -0.55 -1.07 7.67
N THR F 33 -0.55 -2.19 8.36
CA THR F 33 0.69 -2.86 8.72
C THR F 33 0.39 -4.36 8.77
N GLN F 34 1.40 -5.14 9.16
CA GLN F 34 1.22 -6.58 9.33
C GLN F 34 2.27 -7.08 10.32
N GLY F 35 1.98 -8.22 10.95
CA GLY F 35 2.87 -8.63 12.01
C GLY F 35 2.98 -10.14 12.17
N PHE F 36 3.79 -10.53 13.14
CA PHE F 36 3.93 -11.92 13.52
C PHE F 36 3.92 -12.00 15.04
N PHE F 55 0.76 -13.54 5.91
CA PHE F 55 0.80 -12.41 6.82
C PHE F 55 -0.58 -12.12 7.38
N VAL F 56 -0.62 -11.46 8.54
CA VAL F 56 -1.88 -11.09 9.19
C VAL F 56 -2.00 -9.57 9.16
N PRO F 57 -2.98 -9.02 8.46
CA PRO F 57 -3.11 -7.56 8.35
C PRO F 57 -3.54 -6.97 9.68
N LYS F 58 -2.88 -5.89 10.07
CA LYS F 58 -3.26 -5.14 11.25
C LYS F 58 -3.38 -3.69 10.84
N VAL F 59 -3.90 -2.88 11.75
CA VAL F 59 -3.80 -1.43 11.59
C VAL F 59 -3.04 -0.86 12.77
N LYS F 60 -2.17 0.09 12.48
CA LYS F 60 -1.55 0.91 13.51
C LYS F 60 -2.37 2.17 13.67
N ILE F 61 -2.78 2.46 14.91
CA ILE F 61 -3.48 3.68 15.30
C ILE F 61 -2.53 4.51 16.14
N GLU F 62 -2.47 5.82 15.87
CA GLU F 62 -1.60 6.72 16.61
C GLU F 62 -2.41 7.94 17.01
N VAL F 63 -2.34 8.30 18.29
CA VAL F 63 -3.06 9.41 18.88
C VAL F 63 -2.05 10.24 19.66
N ILE F 64 -2.11 11.56 19.53
CA ILE F 64 -1.34 12.48 20.36
C ILE F 64 -2.28 13.12 21.38
N ILE F 65 -1.91 13.01 22.65
CA ILE F 65 -2.82 13.27 23.76
C ILE F 65 -2.04 13.96 24.88
N SER F 66 -2.77 14.75 25.66
CA SER F 66 -2.19 15.38 26.86
C SER F 66 -1.78 14.32 27.86
N ASP F 67 -0.84 14.71 28.73
CA ASP F 67 -0.44 13.84 29.84
C ASP F 67 -1.66 13.41 30.67
N ALA F 68 -2.59 14.33 30.90
CA ALA F 68 -3.71 14.06 31.82
C ALA F 68 -4.68 13.04 31.27
N GLN F 69 -4.82 12.98 29.95
CA GLN F 69 -5.79 12.09 29.30
C GLN F 69 -5.16 10.83 28.74
N ALA F 70 -3.84 10.65 28.91
CA ALA F 70 -3.16 9.57 28.19
C ALA F 70 -3.58 8.20 28.70
N GLU F 71 -3.70 8.00 30.01
CA GLU F 71 -4.10 6.69 30.52
C GLU F 71 -5.54 6.36 30.14
N GLU F 72 -6.43 7.36 30.10
CA GLU F 72 -7.79 7.12 29.64
C GLU F 72 -7.81 6.64 28.19
N VAL F 73 -6.99 7.24 27.34
CA VAL F 73 -6.94 6.83 25.93
C VAL F 73 -6.44 5.39 25.80
N ILE F 74 -5.40 5.03 26.54
CA ILE F 74 -4.96 3.64 26.54
C ILE F 74 -6.11 2.72 26.91
N ASN F 75 -6.86 3.05 27.98
CA ASN F 75 -7.93 2.16 28.43
C ASN F 75 -9.04 2.02 27.38
N ILE F 76 -9.39 3.14 26.73
CA ILE F 76 -10.40 3.10 25.66
C ILE F 76 -9.96 2.17 24.53
N ILE F 77 -8.73 2.35 24.05
CA ILE F 77 -8.25 1.52 22.93
C ILE F 77 -8.22 0.06 23.35
N VAL F 78 -7.64 -0.22 24.52
CA VAL F 78 -7.53 -1.61 24.98
C VAL F 78 -8.92 -2.24 25.07
N GLU F 79 -9.86 -1.56 25.72
CA GLU F 79 -11.16 -2.19 25.94
C GLU F 79 -11.94 -2.30 24.64
N THR F 80 -11.71 -1.38 23.70
CA THR F 80 -12.47 -1.46 22.45
C THR F 80 -11.83 -2.39 21.43
N ALA F 81 -10.51 -2.59 21.49
CA ALA F 81 -9.85 -3.50 20.55
C ALA F 81 -9.91 -4.96 21.01
N ARG F 82 -10.32 -5.22 22.25
CA ARG F 82 -10.27 -6.58 22.79
C ARG F 82 -11.35 -7.46 22.16
N THR F 83 -10.94 -8.61 21.63
CA THR F 83 -11.86 -9.67 21.25
C THR F 83 -11.73 -10.88 22.16
N GLY F 84 -10.69 -10.93 22.98
CA GLY F 84 -10.39 -12.11 23.77
C GLY F 84 -9.68 -13.21 23.03
N LYS F 85 -9.48 -13.08 21.72
CA LYS F 85 -8.77 -14.06 20.94
C LYS F 85 -7.34 -13.60 20.67
N VAL F 86 -6.48 -14.56 20.30
CA VAL F 86 -5.13 -14.21 19.90
C VAL F 86 -5.18 -13.22 18.73
N GLY F 87 -4.16 -12.36 18.65
CA GLY F 87 -4.07 -11.35 17.62
C GLY F 87 -4.56 -9.97 18.02
N ASP F 88 -4.98 -9.78 19.27
CA ASP F 88 -5.65 -8.54 19.67
C ASP F 88 -4.71 -7.34 19.68
N GLY F 89 -3.41 -7.58 19.78
CA GLY F 89 -2.41 -6.52 19.70
C GLY F 89 -1.92 -6.00 21.03
N LYS F 90 -1.23 -4.87 20.95
CA LYS F 90 -0.66 -4.19 22.08
C LYS F 90 -0.83 -2.70 21.90
N VAL F 91 -0.78 -1.98 23.00
CA VAL F 91 -0.93 -0.52 23.04
C VAL F 91 0.28 -0.02 23.81
N TRP F 92 0.96 1.01 23.30
CA TRP F 92 2.06 1.53 24.09
C TRP F 92 2.12 3.04 24.04
N MET F 93 2.91 3.60 24.96
CA MET F 93 3.04 5.04 25.17
C MET F 93 4.50 5.47 25.01
N THR F 94 4.70 6.54 24.22
CA THR F 94 6.00 7.18 23.97
C THR F 94 5.92 8.63 24.42
N ASN F 95 6.99 9.15 25.03
CA ASN F 95 6.97 10.55 25.43
C ASN F 95 7.20 11.46 24.23
N ILE F 96 6.42 12.55 24.17
CA ILE F 96 6.59 13.58 23.12
C ILE F 96 7.23 14.81 23.76
N GLU F 97 8.41 15.19 23.25
CA GLU F 97 9.17 16.28 23.85
C GLU F 97 8.81 17.65 23.31
N GLU F 98 8.27 17.72 22.10
CA GLU F 98 7.83 18.98 21.53
C GLU F 98 6.75 18.64 20.51
N LEU F 99 5.72 19.48 20.44
CA LEU F 99 4.61 19.28 19.51
C LEU F 99 4.27 20.62 18.88
N VAL F 100 4.07 20.65 17.57
CA VAL F 100 3.74 21.89 16.85
C VAL F 100 2.57 21.61 15.91
N ARG F 101 1.54 22.45 15.99
CA ARG F 101 0.44 22.42 15.03
C ARG F 101 0.83 23.20 13.80
N VAL F 102 0.84 22.54 12.63
CA VAL F 102 1.43 23.13 11.43
C VAL F 102 0.70 24.41 11.05
N ARG F 103 -0.63 24.35 11.04
CA ARG F 103 -1.42 25.49 10.55
C ARG F 103 -1.14 26.76 11.34
N THR F 104 -1.07 26.67 12.67
CA THR F 104 -0.92 27.85 13.50
C THR F 104 0.48 28.08 14.02
N GLY F 105 1.32 27.05 14.11
CA GLY F 105 2.56 27.20 14.83
C GLY F 105 2.42 27.16 16.33
N GLU F 106 1.25 26.81 16.86
CA GLU F 106 1.11 26.68 18.29
C GLU F 106 1.92 25.48 18.77
N ARG F 107 2.39 25.55 20.01
CA ARG F 107 3.23 24.49 20.54
C ARG F 107 2.60 23.90 21.79
N GLY F 108 3.12 22.73 22.17
CA GLY F 108 2.78 22.14 23.46
C GLY F 108 1.29 21.93 23.60
N GLU F 109 0.77 22.24 24.79
CA GLU F 109 -0.66 22.06 25.05
C GLU F 109 -1.52 22.79 24.03
N ALA F 110 -1.06 23.95 23.56
CA ALA F 110 -1.83 24.71 22.59
C ALA F 110 -1.94 24.01 21.25
N ALA F 111 -1.03 23.09 20.95
CA ALA F 111 -1.08 22.34 19.70
C ALA F 111 -1.95 21.10 19.78
N LEU F 112 -2.47 20.76 20.97
CA LEU F 112 -3.19 19.50 21.12
C LEU F 112 -4.57 19.58 20.49
P A5O G . -16.88 -5.42 9.11
N1 A5O G . -9.25 -9.34 7.43
C2 A5O G . -8.88 -8.30 8.22
N3 A5O G . -9.57 -7.15 8.19
C4 A5O G . -10.63 -7.03 7.38
C5 A5O G . -11.00 -8.04 6.61
C6 A5O G . -10.28 -9.23 6.65
N6 A5O G . -10.53 -10.43 5.89
N7 A5O G . -12.09 -7.66 5.89
C8 A5O G . -12.39 -6.41 6.25
N9 A5O G . -11.47 -6.00 7.16
C1' A5O G . -11.74 -4.62 7.62
C2' A5O G . -11.81 -3.55 6.50
O2' A5O G . -11.36 -4.11 5.27
C3' A5O G . -13.30 -3.22 6.46
O3' A5O G . -13.59 -1.93 5.98
C4' A5O G . -13.72 -3.43 7.91
O4' A5O G . -12.96 -4.59 8.31
C5' A5O G . -15.19 -3.65 8.16
O5' A5O G . -15.43 -4.77 9.00
OP1 A5O G . -17.85 -4.26 9.13
OP2 A5O G . -17.04 -6.43 7.93
P A5O H . 14.66 -13.10 -2.65
N1 A5O H . 13.21 -4.91 -4.36
C2 A5O H . 13.10 -4.91 -3.01
N3 A5O H . 12.60 -6.01 -2.40
C4 A5O H . 12.22 -7.08 -3.11
C5 A5O H . 12.32 -7.06 -4.44
C6 A5O H . 12.84 -5.93 -5.06
N6 A5O H . 13.03 -5.74 -6.48
N7 A5O H . 11.87 -8.26 -4.90
C8 A5O H . 11.51 -8.99 -3.85
N9 A5O H . 11.69 -8.25 -2.73
C1' A5O H . 11.34 -8.96 -1.47
C2' A5O H . 10.01 -9.75 -1.48
O2' A5O H . 9.18 -9.33 -2.56
C3' A5O H . 10.53 -11.17 -1.67
O3' A5O H . 9.61 -12.17 -1.28
C4' A5O H . 11.79 -11.15 -0.82
O4' A5O H . 12.37 -9.87 -1.16
C5' A5O H . 12.78 -12.26 -1.04
O5' A5O H . 13.42 -12.16 -2.29
OP1 A5O H . 14.77 -14.18 -1.59
OP2 A5O H . 14.57 -13.45 -4.17
P AMP I . -20.62 3.48 -7.33
O1P AMP I . -20.92 3.99 -8.72
O2P AMP I . -20.94 4.49 -6.23
O3P AMP I . -21.08 2.06 -7.06
O5' AMP I . -19.02 3.40 -7.32
C5' AMP I . -18.32 2.55 -6.42
C4' AMP I . -16.92 2.30 -6.90
O4' AMP I . -16.94 1.53 -8.12
C3' AMP I . -16.14 3.56 -7.28
O3' AMP I . -15.57 4.23 -6.16
C2' AMP I . -15.11 3.03 -8.27
O2' AMP I . -14.00 2.43 -7.61
C1' AMP I . -15.90 1.92 -8.98
N9 AMP I . -16.47 2.41 -10.25
C8 AMP I . -17.71 2.88 -10.43
N7 AMP I . -17.92 3.26 -11.72
C5 AMP I . -16.77 3.03 -12.39
C6 AMP I . -16.29 3.20 -13.78
N6 AMP I . -17.12 3.71 -14.72
N1 AMP I . -15.02 2.83 -14.05
C2 AMP I . -14.19 2.32 -13.10
N3 AMP I . -14.56 2.14 -11.83
C4 AMP I . -15.81 2.47 -11.42
P A5O J . 1.43 18.61 -6.66
N1 A5O J . 6.21 11.80 -6.73
C2 A5O J . 5.12 11.34 -7.39
N3 A5O J . 3.90 11.80 -7.04
C4 A5O J . 3.76 12.67 -6.04
C5 A5O J . 4.82 13.11 -5.38
C6 A5O J . 6.08 12.65 -5.74
N6 A5O J . 7.33 13.02 -5.14
N7 A5O J . 4.41 13.98 -4.42
C8 A5O J . 3.09 14.07 -4.52
N9 A5O J . 2.66 13.24 -5.50
C1' A5O J . 1.19 13.25 -5.73
C2' A5O J . 0.29 13.38 -4.48
O2' A5O J . 0.98 13.00 -3.30
C3' A5O J . -0.02 14.87 -4.51
O3' A5O J . -1.16 15.24 -3.74
C4' A5O J . -0.20 15.10 -6.00
O4' A5O J . 0.89 14.34 -6.58
C5' A5O J . -0.15 16.53 -6.49
O5' A5O J . 1.06 17.17 -6.09
OP1 A5O J . 2.38 19.24 -5.65
OP2 A5O J . 0.13 19.35 -7.09
PB ADP K . -0.07 -13.55 17.87
O1B ADP K . -1.50 -13.56 17.40
O2B ADP K . 0.90 -14.17 16.87
O3B ADP K . 0.14 -14.01 19.29
PA ADP K . 0.00 -10.89 19.08
O1A ADP K . -1.46 -10.84 19.46
O2A ADP K . 1.03 -11.00 20.18
O3A ADP K . 0.32 -11.97 17.90
O5' ADP K . 0.30 -9.57 18.23
C5' ADP K . -0.71 -8.93 17.45
C4' ADP K . -0.02 -7.91 16.58
O4' ADP K . 0.69 -6.98 17.42
C3' ADP K . 1.04 -8.56 15.70
O3' ADP K . 0.54 -8.82 14.38
C2' ADP K . 2.20 -7.58 15.68
O2' ADP K . 2.13 -6.73 14.54
C1' ADP K . 1.99 -6.71 16.92
N9 ADP K . 3.06 -7.06 17.90
C8 ADP K . 2.98 -8.06 18.80
N7 ADP K . 4.12 -8.14 19.55
C5 ADP K . 4.95 -7.18 19.09
C6 ADP K . 6.33 -6.72 19.43
N6 ADP K . 7.03 -7.33 20.41
N1 ADP K . 6.83 -5.69 18.71
C2 ADP K . 6.13 -5.08 17.73
N3 ADP K . 4.88 -5.45 17.37
C4 ADP K . 4.25 -6.47 18.00
#